data_8F9B
#
_entry.id   8F9B
#
_cell.length_a   101.940
_cell.length_b   101.940
_cell.length_c   321.980
_cell.angle_alpha   90.00
_cell.angle_beta   90.00
_cell.angle_gamma   120.00
#
_symmetry.space_group_name_H-M   'P 61'
#
loop_
_entity.id
_entity.type
_entity.pdbx_description
1 polymer Procaspase-6
2 non-polymer 5-fluoro-2-({[(3M)-3-(1,2-thiazol-3-yl)pyridin-2-yl]amino}methyl)phenol
3 water water
#
_entity_poly.entity_id   1
_entity_poly.type   'polypeptide(L)'
_entity_poly.pdbx_seq_one_letter_code
;MSSASGLRRGHPAGGEENMTETDAFYKREMFDPAEKYKMDHRRRGIALIFNHERFFWHLTLPERRGTCADRDNLTRRFSD
LGFEVKCFNDLKAEELLLKIHEVSTVSHADADCFVCVFLSHGEGNHIYAYDAKIEIQTLTGLFKGDKCHSLVGKPKIFII
QAARGNQHDVPVIPLDVVDNQTEKLDTNITEVDAASVYTLPAGADFLMCYSVAEGYYSHRETVNGSWYIQDLCEMLGKYG
SSLEFTELLTLVNRKVSQRRVDFCKDPSAIGKKQVPCFASMLTKKLHFFPKSNENLYFQ
;
_entity_poly.pdbx_strand_id   A,B,C,D
#
loop_
_chem_comp.id
_chem_comp.type
_chem_comp.name
_chem_comp.formula
XN5 non-polymer 5-fluoro-2-({[(3M)-3-(1,2-thiazol-3-yl)pyridin-2-yl]amino}methyl)phenol 'C15 H12 F N3 O S'
#
# COMPACT_ATOMS: atom_id res chain seq x y z
N MET A 30 2.06 -20.05 39.63
CA MET A 30 0.61 -20.33 39.80
C MET A 30 -0.19 -19.43 38.86
N PHE A 31 -0.01 -19.61 37.53
CA PHE A 31 -0.71 -18.93 36.40
C PHE A 31 -2.24 -18.99 36.51
N ASP A 32 -2.94 -17.87 36.23
CA ASP A 32 -4.34 -17.62 36.68
C ASP A 32 -5.21 -17.22 35.50
N PRO A 33 -6.17 -18.06 35.06
CA PRO A 33 -6.96 -17.74 33.87
C PRO A 33 -7.92 -16.56 34.06
N ALA A 34 -8.01 -15.99 35.27
CA ALA A 34 -8.98 -14.91 35.59
C ALA A 34 -8.22 -13.64 36.02
N GLU A 35 -6.93 -13.57 35.73
CA GLU A 35 -6.11 -12.40 36.12
C GLU A 35 -6.74 -11.14 35.52
N LYS A 36 -6.94 -10.12 36.38
CA LYS A 36 -7.41 -8.76 36.04
C LYS A 36 -6.20 -7.82 35.99
N TYR A 37 -6.19 -6.84 35.10
CA TYR A 37 -5.23 -5.72 35.18
C TYR A 37 -5.39 -5.11 36.57
N LYS A 38 -4.28 -4.72 37.20
CA LYS A 38 -4.30 -4.11 38.55
C LYS A 38 -4.90 -2.69 38.41
N MET A 39 -6.11 -2.46 38.89
CA MET A 39 -6.82 -1.16 38.70
C MET A 39 -7.12 -0.48 40.05
N ASP A 40 -6.17 -0.52 41.00
CA ASP A 40 -6.29 0.01 42.40
C ASP A 40 -5.24 1.12 42.64
N HIS A 41 -4.76 1.81 41.61
CA HIS A 41 -3.85 2.99 41.71
C HIS A 41 -4.63 4.21 42.21
N ARG A 42 -3.94 5.28 42.60
CA ARG A 42 -4.58 6.49 43.17
C ARG A 42 -5.57 7.07 42.15
N ARG A 43 -5.14 7.30 40.90
CA ARG A 43 -5.98 7.92 39.83
C ARG A 43 -6.33 6.83 38.80
N ARG A 44 -7.43 6.99 38.07
CA ARG A 44 -7.80 6.10 36.93
C ARG A 44 -6.81 6.33 35.78
N GLY A 45 -6.59 7.60 35.45
CA GLY A 45 -5.65 8.03 34.41
C GLY A 45 -6.26 9.09 33.49
N ILE A 46 -5.51 9.49 32.46
CA ILE A 46 -5.94 10.53 31.48
C ILE A 46 -6.69 9.86 30.32
N ALA A 47 -7.75 10.52 29.86
CA ALA A 47 -8.44 10.24 28.57
C ALA A 47 -8.28 11.49 27.68
N LEU A 48 -7.38 11.42 26.70
CA LEU A 48 -7.27 12.43 25.62
C LEU A 48 -8.43 12.25 24.65
N ILE A 49 -9.02 13.35 24.20
CA ILE A 49 -10.03 13.35 23.10
C ILE A 49 -9.64 14.45 22.12
N PHE A 50 -9.09 14.08 20.96
CA PHE A 50 -8.86 14.98 19.83
C PHE A 50 -10.11 14.99 18.95
N ASN A 51 -10.77 16.13 18.89
CA ASN A 51 -12.11 16.30 18.26
C ASN A 51 -11.98 17.25 17.06
N HIS A 52 -12.29 16.76 15.86
CA HIS A 52 -12.06 17.50 14.59
C HIS A 52 -13.38 17.67 13.83
N GLU A 53 -13.84 18.92 13.73
CA GLU A 53 -15.13 19.31 13.09
C GLU A 53 -14.87 19.93 11.71
N ARG A 54 -13.84 20.78 11.61
CA ARG A 54 -13.53 21.58 10.42
C ARG A 54 -12.07 21.33 10.05
N PHE A 55 -11.72 21.59 8.79
CA PHE A 55 -10.35 21.34 8.26
C PHE A 55 -9.90 22.53 7.42
N PHE A 56 -8.59 22.77 7.41
CA PHE A 56 -7.92 23.73 6.49
C PHE A 56 -8.60 23.67 5.13
N TRP A 57 -8.95 24.82 4.53
CA TRP A 57 -9.72 24.85 3.26
C TRP A 57 -9.07 23.89 2.25
N HIS A 58 -7.75 24.00 2.07
CA HIS A 58 -7.00 23.36 0.93
C HIS A 58 -6.90 21.84 1.09
N LEU A 59 -7.44 21.26 2.16
CA LEU A 59 -7.57 19.79 2.33
C LEU A 59 -8.84 19.29 1.63
N THR A 60 -9.83 20.16 1.39
CA THR A 60 -11.10 19.78 0.71
C THR A 60 -11.69 18.58 1.43
N LEU A 61 -11.99 18.77 2.73
CA LEU A 61 -12.60 17.76 3.62
C LEU A 61 -13.85 18.38 4.21
N PRO A 62 -14.97 17.63 4.28
CA PRO A 62 -16.22 18.19 4.77
C PRO A 62 -16.23 18.37 6.29
N GLU A 63 -17.03 19.32 6.79
CA GLU A 63 -17.39 19.46 8.21
C GLU A 63 -17.84 18.09 8.71
N ARG A 64 -17.65 17.81 10.00
CA ARG A 64 -18.14 16.57 10.64
C ARG A 64 -19.22 16.98 11.65
N ARG A 65 -20.30 17.57 11.16
CA ARG A 65 -21.41 18.08 11.99
C ARG A 65 -21.89 16.93 12.87
N GLY A 66 -21.88 17.08 14.20
CA GLY A 66 -22.30 16.05 15.17
C GLY A 66 -21.15 15.52 16.01
N THR A 67 -19.90 15.81 15.62
CA THR A 67 -18.71 15.32 16.35
C THR A 67 -18.71 15.87 17.78
N CYS A 68 -19.32 17.04 18.02
CA CYS A 68 -19.37 17.65 19.38
C CYS A 68 -20.25 16.79 20.29
N ALA A 69 -21.31 16.21 19.77
CA ALA A 69 -22.13 15.28 20.60
C ALA A 69 -21.21 14.13 21.03
N ASP A 70 -20.43 13.60 20.09
CA ASP A 70 -19.49 12.47 20.35
C ASP A 70 -18.53 12.86 21.48
N ARG A 71 -17.85 14.00 21.33
CA ARG A 71 -16.89 14.54 22.33
C ARG A 71 -17.56 14.69 23.71
N ASP A 72 -18.80 15.21 23.76
CA ASP A 72 -19.46 15.55 25.04
C ASP A 72 -19.90 14.25 25.70
N ASN A 73 -20.46 13.31 24.92
CA ASN A 73 -20.94 11.99 25.41
C ASN A 73 -19.75 11.20 25.96
N LEU A 74 -18.67 11.16 25.19
CA LEU A 74 -17.44 10.44 25.60
C LEU A 74 -16.93 11.08 26.89
N THR A 75 -16.87 12.41 26.93
CA THR A 75 -16.28 13.15 28.07
C THR A 75 -17.04 12.77 29.35
N ARG A 76 -18.36 12.76 29.28
CA ARG A 76 -19.20 12.47 30.47
C ARG A 76 -18.95 11.02 30.91
N ARG A 77 -18.98 10.05 30.00
CA ARG A 77 -18.94 8.61 30.39
C ARG A 77 -17.58 8.24 30.95
N PHE A 78 -16.50 8.79 30.41
CA PHE A 78 -15.12 8.51 30.88
C PHE A 78 -14.88 9.25 32.20
N SER A 79 -15.45 10.43 32.38
CA SER A 79 -15.43 11.17 33.66
C SER A 79 -16.07 10.29 34.76
N ASP A 80 -17.26 9.75 34.51
CA ASP A 80 -18.00 8.94 35.52
C ASP A 80 -17.22 7.66 35.86
N LEU A 81 -16.23 7.27 35.06
CA LEU A 81 -15.38 6.08 35.34
C LEU A 81 -14.06 6.52 36.00
N GLY A 82 -13.88 7.83 36.20
CA GLY A 82 -12.81 8.39 37.02
C GLY A 82 -11.65 8.93 36.20
N PHE A 83 -11.82 9.06 34.89
CA PHE A 83 -10.75 9.60 34.01
C PHE A 83 -10.70 11.13 34.18
N GLU A 84 -9.49 11.67 34.22
CA GLU A 84 -9.20 13.11 33.97
C GLU A 84 -9.32 13.28 32.46
N VAL A 85 -10.50 13.68 31.96
CA VAL A 85 -10.74 13.83 30.48
C VAL A 85 -10.17 15.16 30.03
N LYS A 86 -9.26 15.17 29.04
CA LYS A 86 -8.67 16.40 28.46
C LYS A 86 -9.05 16.44 26.97
N CYS A 87 -9.96 17.35 26.57
CA CYS A 87 -10.47 17.51 25.17
C CYS A 87 -9.70 18.61 24.44
N PHE A 88 -9.47 18.44 23.13
CA PHE A 88 -8.81 19.45 22.25
C PHE A 88 -9.55 19.52 20.92
N ASN A 89 -9.97 20.72 20.53
CA ASN A 89 -10.75 20.96 19.29
C ASN A 89 -9.82 21.48 18.19
N ASP A 90 -9.85 20.80 17.05
CA ASP A 90 -9.34 21.32 15.76
C ASP A 90 -7.87 21.78 15.89
N LEU A 91 -7.05 20.97 16.57
CA LEU A 91 -5.58 21.22 16.68
C LEU A 91 -4.92 20.99 15.32
N LYS A 92 -3.95 21.83 14.99
CA LYS A 92 -3.02 21.62 13.86
C LYS A 92 -2.05 20.49 14.27
N ALA A 93 -1.37 19.88 13.30
CA ALA A 93 -0.50 18.70 13.52
C ALA A 93 0.53 19.02 14.61
N GLU A 94 1.25 20.12 14.47
CA GLU A 94 2.29 20.56 15.44
C GLU A 94 1.68 20.57 16.85
N GLU A 95 0.53 21.23 17.04
CA GLU A 95 -0.10 21.40 18.37
C GLU A 95 -0.45 20.02 18.94
N LEU A 96 -1.00 19.13 18.11
CA LEU A 96 -1.51 17.79 18.51
C LEU A 96 -0.30 16.94 18.97
N LEU A 97 0.72 16.83 18.13
CA LEU A 97 1.96 16.14 18.49
C LEU A 97 2.53 16.71 19.80
N LEU A 98 2.52 18.03 20.00
CA LEU A 98 3.04 18.63 21.27
C LEU A 98 2.21 18.10 22.45
N LYS A 99 0.88 18.11 22.37
CA LYS A 99 0.02 17.78 23.53
C LYS A 99 0.18 16.28 23.84
N ILE A 100 0.22 15.46 22.79
CA ILE A 100 0.22 14.00 22.99
C ILE A 100 1.62 13.57 23.44
N HIS A 101 2.67 14.26 23.00
CA HIS A 101 4.06 13.98 23.46
C HIS A 101 4.18 14.37 24.94
N GLU A 102 3.70 15.55 25.29
CA GLU A 102 3.64 16.05 26.69
C GLU A 102 3.01 14.94 27.56
N VAL A 103 1.84 14.44 27.21
CA VAL A 103 1.09 13.43 28.01
C VAL A 103 1.88 12.12 28.06
N SER A 104 2.67 11.83 27.04
CA SER A 104 3.43 10.54 26.98
C SER A 104 4.65 10.57 27.90
N THR A 105 5.12 11.75 28.32
CA THR A 105 6.41 11.93 29.03
C THR A 105 6.18 12.39 30.48
N VAL A 106 4.99 12.88 30.80
CA VAL A 106 4.43 12.93 32.18
C VAL A 106 4.47 11.51 32.77
N SER A 107 4.41 11.39 34.10
CA SER A 107 4.44 10.08 34.80
C SER A 107 3.01 9.55 34.94
N HIS A 108 2.79 8.29 34.59
CA HIS A 108 1.51 7.55 34.78
C HIS A 108 1.66 6.55 35.92
N ALA A 109 2.76 6.62 36.66
CA ALA A 109 3.12 5.70 37.76
C ALA A 109 1.92 5.49 38.69
N ASP A 110 1.15 6.54 39.00
CA ASP A 110 0.06 6.44 40.01
C ASP A 110 -1.29 6.28 39.30
N ALA A 111 -1.29 5.78 38.06
CA ALA A 111 -2.51 5.67 37.22
C ALA A 111 -2.77 4.21 36.82
N ASP A 112 -4.06 3.87 36.69
CA ASP A 112 -4.54 2.54 36.26
C ASP A 112 -4.21 2.31 34.78
N CYS A 113 -4.52 3.28 33.91
CA CYS A 113 -4.42 3.12 32.44
C CYS A 113 -4.39 4.46 31.71
N PHE A 114 -4.44 4.40 30.38
CA PHE A 114 -4.44 5.54 29.45
C PHE A 114 -5.48 5.29 28.35
N VAL A 115 -6.29 6.29 28.07
CA VAL A 115 -7.28 6.30 26.96
C VAL A 115 -6.97 7.50 26.06
N CYS A 116 -7.02 7.30 24.76
CA CYS A 116 -6.81 8.36 23.75
C CYS A 116 -7.86 8.15 22.67
N VAL A 117 -8.63 9.19 22.33
CA VAL A 117 -9.75 9.10 21.34
C VAL A 117 -9.50 10.05 20.19
N PHE A 118 -9.71 9.58 18.96
CA PHE A 118 -9.64 10.37 17.70
C PHE A 118 -11.01 10.40 17.04
N LEU A 119 -11.56 11.61 16.89
CA LEU A 119 -12.80 11.93 16.14
C LEU A 119 -12.40 12.85 14.99
N SER A 120 -12.13 12.27 13.83
CA SER A 120 -11.69 13.05 12.65
C SER A 120 -11.94 12.25 11.38
N HIS A 121 -11.37 12.72 10.28
CA HIS A 121 -11.23 11.94 9.04
C HIS A 121 -9.93 11.16 9.14
N GLY A 122 -9.83 10.11 8.34
CA GLY A 122 -8.62 9.30 8.26
C GLY A 122 -8.56 8.56 6.94
N GLU A 123 -7.40 8.01 6.66
CA GLU A 123 -7.09 7.25 5.44
C GLU A 123 -5.94 6.32 5.84
N GLY A 124 -6.11 5.02 5.65
CA GLY A 124 -5.02 4.04 5.81
C GLY A 124 -4.50 4.07 7.23
N ASN A 125 -3.21 4.43 7.40
CA ASN A 125 -2.64 4.46 8.77
C ASN A 125 -2.57 5.90 9.27
N HIS A 126 -3.44 6.78 8.76
CA HIS A 126 -3.41 8.23 9.09
C HIS A 126 -4.74 8.68 9.68
N ILE A 127 -4.65 9.52 10.69
CA ILE A 127 -5.75 10.38 11.18
C ILE A 127 -5.47 11.78 10.65
N TYR A 128 -6.50 12.58 10.41
CA TYR A 128 -6.34 14.00 10.01
C TYR A 128 -6.43 14.88 11.27
N ALA A 129 -5.41 15.70 11.47
CA ALA A 129 -5.51 16.96 12.24
C ALA A 129 -6.18 17.98 11.32
N TYR A 130 -6.34 19.22 11.79
CA TYR A 130 -6.95 20.35 11.04
C TYR A 130 -6.23 20.58 9.68
N ASP A 131 -4.93 20.36 9.70
CA ASP A 131 -3.79 20.92 8.93
C ASP A 131 -3.32 19.91 7.86
N ALA A 132 -3.24 18.64 8.26
CA ALA A 132 -2.45 17.57 7.62
C ALA A 132 -2.66 16.26 8.36
N LYS A 133 -2.28 15.16 7.73
CA LYS A 133 -2.49 13.81 8.29
C LYS A 133 -1.27 13.44 9.14
N ILE A 134 -1.50 12.58 10.15
CA ILE A 134 -0.44 12.05 11.06
C ILE A 134 -0.53 10.52 11.07
N GLU A 135 0.62 9.83 10.99
CA GLU A 135 0.71 8.36 11.13
C GLU A 135 0.20 7.97 12.53
N ILE A 136 -0.83 7.13 12.59
CA ILE A 136 -1.37 6.57 13.87
C ILE A 136 -0.25 5.87 14.64
N GLN A 137 0.65 5.13 13.98
CA GLN A 137 1.71 4.33 14.67
C GLN A 137 2.62 5.27 15.47
N THR A 138 2.85 6.51 15.03
CA THR A 138 3.75 7.45 15.78
C THR A 138 3.01 7.98 17.01
N LEU A 139 1.69 8.02 17.00
CA LEU A 139 0.90 8.40 18.20
C LEU A 139 0.89 7.23 19.20
N THR A 140 0.60 6.01 18.75
CA THR A 140 0.55 4.84 19.67
C THR A 140 1.97 4.54 20.16
N GLY A 141 2.98 4.74 19.30
CA GLY A 141 4.40 4.47 19.61
C GLY A 141 4.89 5.23 20.82
N LEU A 142 4.33 6.41 21.10
CA LEU A 142 4.76 7.27 22.23
C LEU A 142 4.45 6.58 23.56
N PHE A 143 3.53 5.60 23.57
CA PHE A 143 3.06 4.92 24.79
C PHE A 143 3.54 3.44 24.89
N LYS A 144 4.33 2.98 23.92
CA LYS A 144 4.92 1.62 23.89
C LYS A 144 5.85 1.49 25.09
N GLY A 145 5.86 0.33 25.77
CA GLY A 145 6.74 0.00 26.92
C GLY A 145 8.07 0.73 26.90
N ASP A 146 8.83 0.64 25.81
CA ASP A 146 10.17 1.26 25.65
C ASP A 146 10.10 2.75 26.07
N LYS A 147 9.11 3.49 25.58
CA LYS A 147 9.14 4.97 25.50
C LYS A 147 8.31 5.60 26.62
N CYS A 148 7.54 4.82 27.38
CA CYS A 148 6.67 5.35 28.47
C CYS A 148 6.60 4.31 29.58
N HIS A 149 7.65 4.28 30.41
CA HIS A 149 7.91 3.21 31.41
C HIS A 149 6.74 3.12 32.40
N SER A 150 6.15 4.25 32.80
CA SER A 150 5.08 4.33 33.82
C SER A 150 3.78 3.64 33.37
N LEU A 151 3.70 3.20 32.11
CA LEU A 151 2.48 2.56 31.55
C LEU A 151 2.75 1.09 31.15
N VAL A 152 3.99 0.62 31.29
CA VAL A 152 4.33 -0.81 31.07
C VAL A 152 3.35 -1.67 31.89
N GLY A 153 2.74 -2.67 31.27
CA GLY A 153 1.82 -3.62 31.93
C GLY A 153 0.47 -3.01 32.27
N LYS A 154 0.21 -1.76 31.84
CA LYS A 154 -1.10 -1.09 32.06
C LYS A 154 -1.83 -0.96 30.73
N PRO A 155 -3.17 -1.07 30.69
CA PRO A 155 -3.92 -0.98 29.44
C PRO A 155 -3.76 0.40 28.77
N LYS A 156 -3.52 0.40 27.46
CA LYS A 156 -3.47 1.62 26.63
C LYS A 156 -4.55 1.48 25.57
N ILE A 157 -5.62 2.28 25.67
CA ILE A 157 -6.87 2.08 24.89
C ILE A 157 -7.00 3.23 23.90
N PHE A 158 -6.96 2.96 22.61
CA PHE A 158 -7.24 3.95 21.54
C PHE A 158 -8.61 3.66 20.91
N ILE A 159 -9.43 4.69 20.80
CA ILE A 159 -10.77 4.63 20.17
C ILE A 159 -10.78 5.55 18.95
N ILE A 160 -11.15 5.05 17.78
CA ILE A 160 -10.97 5.78 16.50
C ILE A 160 -12.28 5.77 15.69
N GLN A 161 -12.96 6.92 15.70
CA GLN A 161 -14.07 7.24 14.80
C GLN A 161 -13.48 8.12 13.69
N ALA A 162 -13.01 7.48 12.65
CA ALA A 162 -12.44 8.16 11.46
C ALA A 162 -12.82 7.36 10.21
N ALA A 163 -13.22 8.09 9.17
CA ALA A 163 -13.57 7.52 7.87
C ALA A 163 -13.17 8.51 6.77
N ARG A 164 -13.59 8.25 5.53
CA ARG A 164 -13.25 9.02 4.30
C ARG A 164 -14.20 10.23 4.20
N GLY A 165 -13.68 11.44 4.02
CA GLY A 165 -14.52 12.63 3.79
C GLY A 165 -15.13 12.65 2.41
N ASN A 166 -16.46 12.56 2.31
CA ASN A 166 -17.24 12.77 1.04
C ASN A 166 -17.34 14.25 0.66
N GLN A 167 -16.96 14.62 -0.57
CA GLN A 167 -16.98 16.01 -1.10
C GLN A 167 -18.44 16.51 -1.16
N THR A 187 -32.73 18.70 9.53
CA THR A 187 -32.22 19.29 10.81
C THR A 187 -31.19 18.33 11.43
N ASN A 188 -31.58 17.08 11.74
CA ASN A 188 -30.72 15.93 12.15
C ASN A 188 -30.68 14.90 11.01
N ILE A 189 -29.75 15.07 10.07
CA ILE A 189 -29.52 14.18 8.90
C ILE A 189 -28.51 13.09 9.31
N THR A 190 -28.67 11.88 8.79
CA THR A 190 -27.66 10.79 8.97
C THR A 190 -26.68 10.84 7.79
N GLU A 191 -25.43 11.25 8.01
CA GLU A 191 -24.37 11.25 6.96
C GLU A 191 -23.66 9.91 7.03
N VAL A 192 -23.25 9.37 5.89
CA VAL A 192 -22.63 8.02 5.81
C VAL A 192 -21.32 8.10 5.03
N ASP A 193 -20.23 7.64 5.67
CA ASP A 193 -18.85 7.64 5.12
C ASP A 193 -18.39 6.19 4.89
N ALA A 194 -17.57 5.96 3.88
CA ALA A 194 -16.93 4.65 3.67
C ALA A 194 -15.83 4.45 4.71
N ALA A 195 -15.66 3.24 5.23
CA ALA A 195 -14.47 2.85 6.02
C ALA A 195 -13.21 3.22 5.25
N SER A 196 -12.16 3.67 5.94
CA SER A 196 -10.90 4.12 5.29
C SER A 196 -9.68 3.81 6.17
N VAL A 197 -9.85 3.73 7.49
CA VAL A 197 -8.71 3.63 8.45
C VAL A 197 -8.49 2.16 8.76
N TYR A 198 -7.27 1.71 8.52
CA TYR A 198 -6.86 0.31 8.73
C TYR A 198 -7.09 -0.02 10.21
N THR A 199 -7.62 -1.21 10.49
CA THR A 199 -7.89 -1.70 11.87
C THR A 199 -6.59 -2.29 12.44
N LEU A 200 -5.61 -1.42 12.70
CA LEU A 200 -4.23 -1.79 13.11
C LEU A 200 -4.19 -2.24 14.55
N PRO A 201 -3.20 -3.07 14.91
CA PRO A 201 -2.93 -3.41 16.30
C PRO A 201 -1.93 -2.35 16.79
N ALA A 202 -1.33 -2.44 17.98
CA ALA A 202 -0.42 -1.35 18.43
C ALA A 202 0.73 -1.86 19.30
N GLY A 203 0.57 -2.98 20.00
CA GLY A 203 1.62 -3.49 20.89
C GLY A 203 1.07 -4.05 22.20
N ALA A 204 1.94 -4.64 23.00
CA ALA A 204 1.53 -5.36 24.22
C ALA A 204 0.73 -4.40 25.07
N ASP A 205 -0.47 -4.84 25.47
CA ASP A 205 -1.33 -4.17 26.48
C ASP A 205 -2.05 -2.98 25.84
N PHE A 206 -2.02 -2.84 24.50
CA PHE A 206 -2.91 -1.92 23.76
C PHE A 206 -4.22 -2.59 23.37
N LEU A 207 -5.29 -1.79 23.34
CA LEU A 207 -6.61 -2.17 22.77
C LEU A 207 -7.00 -1.08 21.77
N MET A 208 -6.96 -1.37 20.48
CA MET A 208 -7.38 -0.44 19.41
C MET A 208 -8.85 -0.73 19.07
N CYS A 209 -9.71 0.29 19.18
CA CYS A 209 -11.18 0.21 19.00
C CYS A 209 -11.61 1.07 17.80
N TYR A 210 -12.32 0.49 16.83
CA TYR A 210 -12.60 1.10 15.51
C TYR A 210 -14.11 1.16 15.25
N SER A 211 -14.61 2.36 14.90
CA SER A 211 -16.01 2.64 14.47
C SER A 211 -16.51 1.63 13.43
N VAL A 212 -15.64 1.22 12.50
CA VAL A 212 -16.04 0.53 11.24
C VAL A 212 -14.87 -0.26 10.66
N ALA A 213 -15.17 -1.37 10.00
CA ALA A 213 -14.20 -2.31 9.39
C ALA A 213 -14.19 -2.14 7.87
N GLU A 214 -13.18 -2.68 7.19
CA GLU A 214 -13.04 -2.62 5.70
C GLU A 214 -14.32 -3.15 5.06
N GLY A 215 -14.83 -2.42 4.07
CA GLY A 215 -16.03 -2.79 3.30
C GLY A 215 -17.34 -2.41 3.97
N TYR A 216 -17.32 -1.81 5.16
CA TYR A 216 -18.55 -1.34 5.86
C TYR A 216 -18.59 0.19 5.83
N TYR A 217 -19.65 0.79 6.38
CA TYR A 217 -19.87 2.25 6.35
C TYR A 217 -20.12 2.77 7.77
N SER A 218 -19.55 3.94 8.08
CA SER A 218 -19.71 4.64 9.38
C SER A 218 -20.81 5.70 9.19
N HIS A 219 -21.71 5.78 10.16
CA HIS A 219 -22.87 6.71 10.19
C HIS A 219 -22.67 7.79 11.28
N ARG A 220 -22.92 9.05 10.95
CA ARG A 220 -22.95 10.18 11.92
C ARG A 220 -24.23 10.98 11.72
N GLU A 221 -25.06 11.07 12.75
CA GLU A 221 -26.27 11.94 12.83
C GLU A 221 -25.74 13.35 13.17
N THR A 222 -26.24 14.40 12.51
CA THR A 222 -25.62 15.75 12.57
C THR A 222 -25.88 16.43 13.91
N VAL A 223 -26.77 15.90 14.75
CA VAL A 223 -27.02 16.43 16.12
C VAL A 223 -26.64 15.36 17.15
N ASN A 224 -27.10 14.12 16.97
CA ASN A 224 -26.96 13.02 17.95
C ASN A 224 -25.57 12.39 17.95
N GLY A 225 -24.83 12.50 16.84
CA GLY A 225 -23.44 12.00 16.73
C GLY A 225 -23.35 10.65 16.05
N SER A 226 -22.14 10.08 16.07
CA SER A 226 -21.76 8.83 15.38
C SER A 226 -22.50 7.63 16.00
N TRP A 227 -23.03 6.73 15.17
CA TRP A 227 -23.74 5.51 15.66
C TRP A 227 -22.82 4.77 16.64
N TYR A 228 -21.55 4.57 16.25
CA TYR A 228 -20.56 3.80 17.05
C TYR A 228 -20.46 4.42 18.45
N ILE A 229 -20.42 5.75 18.49
CA ILE A 229 -20.06 6.48 19.73
C ILE A 229 -21.31 6.63 20.61
N GLN A 230 -22.47 6.83 20.01
CA GLN A 230 -23.76 6.76 20.74
C GLN A 230 -23.81 5.43 21.49
N ASP A 231 -23.54 4.33 20.78
CA ASP A 231 -23.76 2.96 21.31
C ASP A 231 -22.62 2.65 22.29
N LEU A 232 -21.39 3.06 21.99
CA LEU A 232 -20.28 2.94 22.98
C LEU A 232 -20.71 3.64 24.27
N CYS A 233 -21.18 4.87 24.16
CA CYS A 233 -21.49 5.72 25.35
C CYS A 233 -22.70 5.14 26.09
N GLU A 234 -23.71 4.63 25.39
CA GLU A 234 -24.88 3.97 26.07
C GLU A 234 -24.35 2.80 26.90
N MET A 235 -23.48 1.96 26.32
CA MET A 235 -22.97 0.76 27.01
C MET A 235 -22.04 1.17 28.16
N LEU A 236 -21.27 2.25 28.03
CA LEU A 236 -20.43 2.72 29.16
C LEU A 236 -21.36 3.11 30.33
N GLY A 237 -22.44 3.83 30.04
CA GLY A 237 -23.46 4.24 31.02
C GLY A 237 -24.07 3.06 31.77
N LYS A 238 -24.64 2.10 31.05
CA LYS A 238 -25.32 0.94 31.68
C LYS A 238 -24.29 0.02 32.37
N TYR A 239 -23.14 -0.27 31.75
CA TYR A 239 -22.30 -1.45 32.09
C TYR A 239 -20.82 -1.09 32.32
N GLY A 240 -20.36 0.12 32.01
CA GLY A 240 -18.94 0.51 32.13
C GLY A 240 -18.30 0.05 33.42
N SER A 241 -19.02 0.23 34.54
CA SER A 241 -18.49 0.04 35.91
C SER A 241 -18.58 -1.44 36.36
N SER A 242 -19.25 -2.32 35.61
CA SER A 242 -19.43 -3.75 36.00
C SER A 242 -18.71 -4.70 35.03
N LEU A 243 -18.89 -4.51 33.73
CA LEU A 243 -18.49 -5.50 32.68
C LEU A 243 -17.01 -5.33 32.30
N GLU A 244 -16.42 -6.45 31.86
CA GLU A 244 -15.05 -6.49 31.27
C GLU A 244 -15.10 -5.71 29.95
N PHE A 245 -14.08 -4.92 29.66
CA PHE A 245 -14.23 -3.83 28.66
C PHE A 245 -14.39 -4.44 27.26
N THR A 246 -13.72 -5.57 26.96
CA THR A 246 -13.88 -6.27 25.66
C THR A 246 -15.29 -6.88 25.61
N GLU A 247 -15.86 -7.35 26.72
CA GLU A 247 -17.28 -7.82 26.76
C GLU A 247 -18.19 -6.68 26.29
N LEU A 248 -17.91 -5.47 26.79
CA LEU A 248 -18.69 -4.25 26.51
C LEU A 248 -18.57 -3.89 25.03
N LEU A 249 -17.35 -3.82 24.52
CA LEU A 249 -17.05 -3.49 23.10
C LEU A 249 -17.81 -4.47 22.18
N THR A 250 -18.00 -5.71 22.63
CA THR A 250 -18.72 -6.79 21.89
C THR A 250 -20.21 -6.44 21.86
N LEU A 251 -20.77 -6.01 22.99
CA LEU A 251 -22.13 -5.43 23.03
C LEU A 251 -22.23 -4.32 21.99
N VAL A 252 -21.22 -3.46 21.91
CA VAL A 252 -21.24 -2.31 20.97
C VAL A 252 -21.30 -2.84 19.54
N ASN A 253 -20.53 -3.90 19.25
CA ASN A 253 -20.53 -4.55 17.93
C ASN A 253 -21.96 -5.04 17.65
N ARG A 254 -22.62 -5.65 18.63
CA ARG A 254 -24.00 -6.16 18.41
C ARG A 254 -24.90 -4.95 18.10
N LYS A 255 -24.88 -3.93 18.96
CA LYS A 255 -25.82 -2.78 18.86
C LYS A 255 -25.72 -2.17 17.45
N VAL A 256 -24.49 -1.92 16.98
CA VAL A 256 -24.25 -1.17 15.73
C VAL A 256 -24.57 -2.05 14.53
N SER A 257 -24.14 -3.32 14.56
CA SER A 257 -24.42 -4.34 13.51
C SER A 257 -25.93 -4.43 13.27
N GLN A 258 -26.72 -4.33 14.34
CA GLN A 258 -28.21 -4.47 14.35
C GLN A 258 -28.93 -3.20 13.88
N ARG A 259 -28.26 -2.04 13.79
CA ARG A 259 -28.93 -0.82 13.29
C ARG A 259 -29.32 -1.07 11.83
N ARG A 260 -30.60 -0.84 11.52
CA ARG A 260 -31.25 -1.22 10.24
C ARG A 260 -30.95 -0.12 9.22
N VAL A 261 -30.74 -0.51 7.96
CA VAL A 261 -30.19 0.36 6.90
C VAL A 261 -30.89 0.04 5.56
N ASP A 262 -32.14 -0.44 5.63
CA ASP A 262 -32.98 -0.84 4.45
C ASP A 262 -33.98 0.27 4.09
N PHE A 263 -34.46 1.05 5.07
CA PHE A 263 -35.54 2.07 4.91
C PHE A 263 -34.97 3.45 5.26
N CYS A 264 -34.07 4.00 4.43
CA CYS A 264 -33.34 5.29 4.69
C CYS A 264 -33.96 6.44 3.90
N LYS A 265 -34.00 7.65 4.50
CA LYS A 265 -34.46 8.89 3.82
C LYS A 265 -33.66 9.11 2.53
N ASP A 266 -32.38 8.74 2.49
CA ASP A 266 -31.57 8.75 1.25
C ASP A 266 -31.64 7.36 0.62
N PRO A 267 -32.07 7.24 -0.66
CA PRO A 267 -32.00 5.95 -1.37
C PRO A 267 -30.58 5.37 -1.48
N SER A 268 -29.56 6.21 -1.70
CA SER A 268 -28.15 5.79 -1.95
C SER A 268 -27.51 5.26 -0.66
N ALA A 269 -28.10 5.51 0.51
CA ALA A 269 -27.60 5.08 1.83
C ALA A 269 -28.14 3.70 2.20
N ILE A 270 -29.07 3.14 1.41
CA ILE A 270 -29.69 1.80 1.67
C ILE A 270 -28.62 0.70 1.54
N GLY A 271 -28.60 -0.25 2.49
CA GLY A 271 -27.75 -1.47 2.44
C GLY A 271 -26.31 -1.20 2.80
N LYS A 272 -25.97 0.02 3.21
CA LYS A 272 -24.63 0.41 3.72
C LYS A 272 -24.54 0.05 5.22
N LYS A 273 -24.34 -1.23 5.55
CA LYS A 273 -24.32 -1.73 6.94
C LYS A 273 -23.07 -1.18 7.67
N GLN A 274 -23.12 -1.18 9.01
CA GLN A 274 -21.96 -0.76 9.83
C GLN A 274 -21.57 -1.88 10.78
N VAL A 275 -20.31 -2.32 10.69
CA VAL A 275 -19.73 -3.31 11.63
C VAL A 275 -18.46 -2.73 12.24
N PRO A 276 -18.43 -2.47 13.56
CA PRO A 276 -17.19 -2.02 14.20
C PRO A 276 -16.35 -3.25 14.53
N CYS A 277 -15.13 -3.02 15.01
CA CYS A 277 -14.26 -4.09 15.53
C CYS A 277 -13.31 -3.53 16.59
N PHE A 278 -12.62 -4.42 17.28
CA PHE A 278 -11.48 -4.09 18.14
C PHE A 278 -10.35 -5.10 17.91
N ALA A 279 -9.13 -4.59 17.97
CA ALA A 279 -7.89 -5.37 17.90
C ALA A 279 -7.24 -5.37 19.28
N SER A 280 -7.33 -6.49 20.00
CA SER A 280 -6.83 -6.63 21.39
C SER A 280 -5.42 -7.21 21.38
N MET A 281 -4.51 -6.51 22.02
CA MET A 281 -3.19 -7.02 22.42
CA MET A 281 -3.18 -7.03 22.42
C MET A 281 -3.16 -7.07 23.97
N LEU A 282 -4.31 -7.00 24.62
CA LEU A 282 -4.41 -7.06 26.11
C LEU A 282 -3.97 -8.44 26.58
N THR A 283 -3.50 -8.54 27.82
CA THR A 283 -2.93 -9.77 28.43
C THR A 283 -3.72 -10.15 29.69
N LYS A 284 -4.77 -9.40 30.02
CA LYS A 284 -5.58 -9.66 31.24
C LYS A 284 -6.98 -9.10 31.05
N LYS A 285 -7.90 -9.57 31.89
CA LYS A 285 -9.28 -9.02 32.01
C LYS A 285 -9.13 -7.55 32.43
N LEU A 286 -9.97 -6.67 31.88
CA LEU A 286 -9.95 -5.19 32.13
C LEU A 286 -11.32 -4.75 32.66
N HIS A 287 -11.36 -4.23 33.87
CA HIS A 287 -12.59 -3.70 34.50
C HIS A 287 -12.36 -2.26 34.97
N PHE A 288 -13.44 -1.48 35.00
CA PHE A 288 -13.45 -0.08 35.52
C PHE A 288 -14.42 -0.01 36.71
N PHE A 289 -14.23 -0.91 37.67
CA PHE A 289 -14.96 -0.93 38.97
C PHE A 289 -14.80 0.42 39.64
N PRO A 290 -15.81 0.91 40.37
CA PRO A 290 -15.72 2.21 41.05
C PRO A 290 -14.50 2.26 41.98
N LYS A 291 -13.76 3.36 41.98
CA LYS A 291 -12.52 3.52 42.80
C LYS A 291 -12.88 3.92 44.24
N SER A 292 -12.11 3.42 45.21
CA SER A 292 -12.31 3.65 46.67
C SER A 292 -11.70 5.00 47.05
N ASN A 293 -12.53 5.96 47.51
CA ASN A 293 -12.08 7.22 48.17
C ASN A 293 -11.23 6.91 49.42
N MET B 30 -35.81 -6.97 24.98
CA MET B 30 -35.28 -7.23 26.36
C MET B 30 -33.78 -7.60 26.25
N PHE B 31 -32.97 -6.66 25.73
CA PHE B 31 -31.50 -6.74 25.46
C PHE B 31 -30.68 -7.23 26.66
N ASP B 32 -29.70 -8.11 26.42
CA ASP B 32 -29.06 -8.96 27.47
C ASP B 32 -27.54 -8.84 27.39
N PRO B 33 -26.88 -8.21 28.39
CA PRO B 33 -25.43 -7.99 28.31
C PRO B 33 -24.60 -9.27 28.40
N ALA B 34 -25.22 -10.44 28.62
CA ALA B 34 -24.50 -11.72 28.82
C ALA B 34 -24.91 -12.72 27.74
N GLU B 35 -25.50 -12.24 26.65
CA GLU B 35 -25.94 -13.12 25.54
C GLU B 35 -24.72 -13.93 25.04
N LYS B 36 -24.91 -15.24 24.93
CA LYS B 36 -23.96 -16.23 24.36
C LYS B 36 -24.41 -16.56 22.93
N TYR B 37 -23.47 -16.80 22.01
CA TYR B 37 -23.80 -17.42 20.71
C TYR B 37 -24.54 -18.74 21.02
N LYS B 38 -25.57 -19.06 20.24
CA LYS B 38 -26.34 -20.31 20.39
C LYS B 38 -25.43 -21.47 19.95
N MET B 39 -24.96 -22.30 20.89
CA MET B 39 -23.98 -23.38 20.58
C MET B 39 -24.56 -24.77 20.92
N ASP B 40 -25.86 -25.00 20.64
CA ASP B 40 -26.63 -26.24 20.95
C ASP B 40 -27.14 -26.91 19.65
N HIS B 41 -26.49 -26.71 18.51
CA HIS B 41 -26.79 -27.39 17.21
C HIS B 41 -26.30 -28.84 17.27
N ARG B 42 -26.71 -29.65 16.29
CA ARG B 42 -26.37 -31.10 16.26
C ARG B 42 -24.84 -31.28 16.28
N ARG B 43 -24.13 -30.61 15.37
CA ARG B 43 -22.65 -30.71 15.20
C ARG B 43 -22.00 -29.40 15.67
N ARG B 44 -20.73 -29.43 16.09
CA ARG B 44 -19.96 -28.20 16.42
C ARG B 44 -19.67 -27.42 15.13
N GLY B 45 -19.20 -28.14 14.11
CA GLY B 45 -18.88 -27.57 12.78
C GLY B 45 -17.52 -28.03 12.26
N ILE B 46 -17.14 -27.53 11.10
CA ILE B 46 -15.85 -27.87 10.43
C ILE B 46 -14.73 -26.93 10.91
N ALA B 47 -13.54 -27.49 11.13
CA ALA B 47 -12.27 -26.76 11.27
C ALA B 47 -11.35 -27.13 10.10
N LEU B 48 -11.22 -26.26 9.11
CA LEU B 48 -10.22 -26.38 8.02
C LEU B 48 -8.84 -26.02 8.58
N ILE B 49 -7.82 -26.77 8.21
CA ILE B 49 -6.40 -26.45 8.51
C ILE B 49 -5.61 -26.62 7.22
N PHE B 50 -5.23 -25.51 6.59
CA PHE B 50 -4.29 -25.47 5.45
C PHE B 50 -2.87 -25.35 6.02
N ASN B 51 -2.07 -26.39 5.80
CA ASN B 51 -0.72 -26.55 6.42
C ASN B 51 0.34 -26.54 5.32
N HIS B 52 1.25 -25.57 5.36
CA HIS B 52 2.25 -25.34 4.27
C HIS B 52 3.67 -25.43 4.84
N GLU B 53 4.41 -26.46 4.41
CA GLU B 53 5.79 -26.76 4.86
C GLU B 53 6.81 -26.35 3.79
N ARG B 54 6.48 -26.62 2.52
CA ARG B 54 7.39 -26.48 1.37
C ARG B 54 6.67 -25.64 0.31
N PHE B 55 7.44 -25.01 -0.57
CA PHE B 55 6.89 -24.10 -1.61
C PHE B 55 7.56 -24.40 -2.95
N PHE B 56 6.82 -24.18 -4.04
CA PHE B 56 7.35 -24.20 -5.43
C PHE B 56 8.73 -23.56 -5.43
N TRP B 57 9.73 -24.20 -6.07
CA TRP B 57 11.14 -23.71 -6.03
C TRP B 57 11.16 -22.20 -6.35
N HIS B 58 10.49 -21.79 -7.43
CA HIS B 58 10.64 -20.44 -8.05
C HIS B 58 10.00 -19.33 -7.19
N LEU B 59 9.41 -19.67 -6.04
CA LEU B 59 8.94 -18.68 -5.04
C LEU B 59 10.09 -18.28 -4.11
N THR B 60 11.14 -19.10 -3.99
CA THR B 60 12.32 -18.79 -3.13
C THR B 60 11.80 -18.49 -1.72
N LEU B 61 11.11 -19.45 -1.12
CA LEU B 61 10.55 -19.38 0.26
C LEU B 61 11.09 -20.57 1.03
N PRO B 62 11.52 -20.38 2.29
CA PRO B 62 12.13 -21.46 3.06
C PRO B 62 11.09 -22.47 3.57
N GLU B 63 11.53 -23.71 3.79
CA GLU B 63 10.77 -24.75 4.53
C GLU B 63 10.28 -24.13 5.84
N ARG B 64 9.15 -24.60 6.35
CA ARG B 64 8.61 -24.16 7.66
C ARG B 64 8.68 -25.38 8.59
N ARG B 65 9.88 -25.87 8.85
CA ARG B 65 10.13 -27.07 9.69
C ARG B 65 9.45 -26.82 11.03
N GLY B 66 8.54 -27.70 11.45
CA GLY B 66 7.80 -27.59 12.72
C GLY B 66 6.30 -27.35 12.51
N THR B 67 5.90 -26.98 11.30
CA THR B 67 4.48 -26.66 11.00
C THR B 67 3.61 -27.90 11.23
N CYS B 68 4.17 -29.11 11.09
CA CYS B 68 3.41 -30.38 11.30
C CYS B 68 3.05 -30.50 12.79
N ALA B 69 3.91 -30.08 13.69
CA ALA B 69 3.54 -30.08 15.13
C ALA B 69 2.32 -29.19 15.30
N ASP B 70 2.34 -28.01 14.67
CA ASP B 70 1.23 -27.01 14.75
C ASP B 70 -0.07 -27.67 14.26
N ARG B 71 -0.04 -28.25 13.06
CA ARG B 71 -1.20 -28.97 12.45
C ARG B 71 -1.73 -30.07 13.38
N ASP B 72 -0.84 -30.86 13.99
CA ASP B 72 -1.24 -32.04 14.78
C ASP B 72 -1.83 -31.56 16.09
N ASN B 73 -1.21 -30.57 16.72
CA ASN B 73 -1.65 -30.00 18.02
C ASN B 73 -3.02 -29.35 17.83
N LEU B 74 -3.16 -28.54 16.78
CA LEU B 74 -4.44 -27.86 16.47
C LEU B 74 -5.50 -28.94 16.23
N THR B 75 -5.17 -29.97 15.44
CA THR B 75 -6.14 -31.00 15.04
C THR B 75 -6.69 -31.67 16.30
N ARG B 76 -5.82 -32.03 17.23
CA ARG B 76 -6.22 -32.73 18.46
C ARG B 76 -7.14 -31.82 19.28
N ARG B 77 -6.76 -30.55 19.52
CA ARG B 77 -7.48 -29.67 20.46
C ARG B 77 -8.87 -29.30 19.92
N PHE B 78 -8.98 -29.09 18.61
CA PHE B 78 -10.27 -28.74 17.97
C PHE B 78 -11.16 -29.98 17.90
N SER B 79 -10.57 -31.15 17.68
CA SER B 79 -11.30 -32.44 17.74
C SER B 79 -11.93 -32.61 19.14
N ASP B 80 -11.17 -32.42 20.21
CA ASP B 80 -11.66 -32.59 21.60
C ASP B 80 -12.78 -31.56 21.91
N LEU B 81 -12.95 -30.51 21.10
CA LEU B 81 -14.05 -29.52 21.27
C LEU B 81 -15.23 -29.86 20.34
N GLY B 82 -15.08 -30.90 19.54
CA GLY B 82 -16.18 -31.48 18.75
C GLY B 82 -16.15 -31.09 17.29
N PHE B 83 -15.05 -30.48 16.83
CA PHE B 83 -14.94 -30.07 15.41
C PHE B 83 -14.62 -31.30 14.56
N GLU B 84 -15.26 -31.38 13.38
CA GLU B 84 -14.85 -32.25 12.25
C GLU B 84 -13.62 -31.55 11.65
N VAL B 85 -12.40 -31.91 12.07
CA VAL B 85 -11.16 -31.25 11.60
C VAL B 85 -10.79 -31.83 10.24
N LYS B 86 -10.64 -31.00 9.21
CA LYS B 86 -10.22 -31.44 7.85
C LYS B 86 -8.89 -30.73 7.53
N CYS B 87 -7.76 -31.47 7.50
CA CYS B 87 -6.38 -30.94 7.23
C CYS B 87 -6.01 -31.13 5.75
N PHE B 88 -5.27 -30.19 5.17
CA PHE B 88 -4.75 -30.25 3.78
C PHE B 88 -3.30 -29.75 3.75
N ASN B 89 -2.40 -30.57 3.21
CA ASN B 89 -0.94 -30.27 3.16
C ASN B 89 -0.56 -29.76 1.77
N ASP B 90 0.08 -28.59 1.74
CA ASP B 90 0.85 -28.10 0.57
C ASP B 90 -0.03 -28.10 -0.69
N LEU B 91 -1.28 -27.62 -0.56
CA LEU B 91 -2.19 -27.42 -1.71
C LEU B 91 -1.68 -26.28 -2.60
N LYS B 92 -1.81 -26.44 -3.91
CA LYS B 92 -1.65 -25.36 -4.89
C LYS B 92 -2.89 -24.45 -4.79
N ALA B 93 -2.80 -23.22 -5.30
CA ALA B 93 -3.84 -22.18 -5.16
C ALA B 93 -5.19 -22.74 -5.64
N GLU B 94 -5.21 -23.29 -6.86
CA GLU B 94 -6.43 -23.87 -7.47
C GLU B 94 -7.07 -24.86 -6.49
N GLU B 95 -6.30 -25.82 -5.97
CA GLU B 95 -6.81 -26.90 -5.09
C GLU B 95 -7.41 -26.27 -3.83
N LEU B 96 -6.72 -25.28 -3.24
CA LEU B 96 -7.10 -24.64 -1.96
C LEU B 96 -8.43 -23.90 -2.15
N LEU B 97 -8.50 -23.03 -3.16
CA LEU B 97 -9.75 -22.33 -3.51
C LEU B 97 -10.87 -23.36 -3.74
N LEU B 98 -10.62 -24.48 -4.42
CA LEU B 98 -11.68 -25.50 -4.64
C LEU B 98 -12.17 -26.02 -3.29
N LYS B 99 -11.28 -26.38 -2.36
CA LYS B 99 -11.68 -27.06 -1.10
C LYS B 99 -12.44 -26.05 -0.24
N ILE B 100 -11.97 -24.82 -0.20
CA ILE B 100 -12.55 -23.81 0.72
C ILE B 100 -13.88 -23.34 0.13
N HIS B 101 -14.01 -23.30 -1.20
CA HIS B 101 -15.29 -22.93 -1.86
C HIS B 101 -16.31 -24.03 -1.60
N GLU B 102 -15.91 -25.28 -1.80
CA GLU B 102 -16.70 -26.50 -1.48
C GLU B 102 -17.31 -26.34 -0.08
N VAL B 103 -16.47 -26.11 0.92
CA VAL B 103 -16.88 -26.01 2.36
C VAL B 103 -17.80 -24.81 2.55
N SER B 104 -17.65 -23.76 1.75
CA SER B 104 -18.46 -22.52 1.92
C SER B 104 -19.88 -22.71 1.37
N THR B 105 -20.12 -23.72 0.53
CA THR B 105 -21.39 -23.88 -0.24
C THR B 105 -22.15 -25.14 0.22
N VAL B 106 -21.50 -26.05 0.92
CA VAL B 106 -22.13 -27.04 1.84
C VAL B 106 -23.00 -26.27 2.84
N SER B 107 -23.96 -26.95 3.48
CA SER B 107 -24.88 -26.37 4.48
C SER B 107 -24.24 -26.45 5.87
N HIS B 108 -24.23 -25.35 6.62
CA HIS B 108 -23.78 -25.29 8.04
C HIS B 108 -25.00 -25.14 8.95
N ALA B 109 -26.20 -25.30 8.40
CA ALA B 109 -27.49 -25.11 9.10
C ALA B 109 -27.49 -25.83 10.45
N ASP B 110 -26.93 -27.04 10.53
CA ASP B 110 -26.99 -27.86 11.77
C ASP B 110 -25.67 -27.74 12.53
N ALA B 111 -24.92 -26.66 12.34
CA ALA B 111 -23.59 -26.44 12.96
C ALA B 111 -23.57 -25.18 13.83
N ASP B 112 -22.78 -25.24 14.90
CA ASP B 112 -22.55 -24.12 15.86
C ASP B 112 -21.76 -23.00 15.17
N CYS B 113 -20.66 -23.34 14.50
CA CYS B 113 -19.71 -22.35 13.97
C CYS B 113 -18.79 -22.94 12.89
N PHE B 114 -17.82 -22.15 12.45
CA PHE B 114 -16.80 -22.48 11.42
C PHE B 114 -15.44 -21.96 11.89
N VAL B 115 -14.43 -22.81 11.79
CA VAL B 115 -13.00 -22.48 12.07
C VAL B 115 -12.19 -22.78 10.82
N CYS B 116 -11.28 -21.89 10.46
CA CYS B 116 -10.37 -22.06 9.31
C CYS B 116 -8.98 -21.60 9.78
N VAL B 117 -7.95 -22.43 9.59
CA VAL B 117 -6.58 -22.12 10.06
C VAL B 117 -5.61 -22.11 8.89
N PHE B 118 -4.74 -21.11 8.84
CA PHE B 118 -3.63 -20.97 7.85
C PHE B 118 -2.28 -21.02 8.54
N LEU B 119 -1.48 -22.01 8.18
CA LEU B 119 -0.07 -22.20 8.61
C LEU B 119 0.79 -22.11 7.36
N SER B 120 1.29 -20.92 7.05
CA SER B 120 2.10 -20.72 5.82
C SER B 120 2.92 -19.44 5.96
N HIS B 121 3.50 -19.01 4.86
CA HIS B 121 4.07 -17.66 4.71
C HIS B 121 2.94 -16.73 4.27
N GLY B 122 3.15 -15.44 4.50
CA GLY B 122 2.20 -14.41 4.06
C GLY B 122 2.90 -13.08 3.93
N GLU B 123 2.20 -12.15 3.31
CA GLU B 123 2.65 -10.77 3.07
C GLU B 123 1.37 -9.95 2.93
N GLY B 124 1.24 -8.90 3.72
CA GLY B 124 0.14 -7.92 3.56
C GLY B 124 -1.20 -8.60 3.72
N ASN B 125 -2.01 -8.59 2.66
CA ASN B 125 -3.36 -9.22 2.74
C ASN B 125 -3.33 -10.59 2.07
N HIS B 126 -2.16 -11.24 2.01
CA HIS B 126 -1.99 -12.51 1.27
C HIS B 126 -1.43 -13.59 2.18
N ILE B 127 -1.97 -14.80 2.02
CA ILE B 127 -1.38 -16.07 2.50
C ILE B 127 -0.74 -16.74 1.29
N TYR B 128 0.32 -17.52 1.48
CA TYR B 128 0.93 -18.32 0.40
C TYR B 128 0.34 -19.74 0.44
N ALA B 129 -0.20 -20.18 -0.69
CA ALA B 129 -0.31 -21.60 -1.05
C ALA B 129 1.07 -22.07 -1.51
N TYR B 130 1.20 -23.33 -1.93
CA TYR B 130 2.45 -23.93 -2.43
C TYR B 130 3.07 -23.12 -3.60
N ASP B 131 2.17 -22.57 -4.41
CA ASP B 131 2.17 -22.22 -5.84
C ASP B 131 2.33 -20.69 -6.01
N ALA B 132 1.59 -19.95 -5.19
CA ALA B 132 1.27 -18.52 -5.39
C ALA B 132 0.48 -17.99 -4.18
N LYS B 133 0.37 -16.67 -4.08
CA LYS B 133 -0.29 -16.03 -2.92
C LYS B 133 -1.78 -15.85 -3.26
N ILE B 134 -2.62 -15.86 -2.21
CA ILE B 134 -4.10 -15.67 -2.30
C ILE B 134 -4.52 -14.54 -1.36
N GLU B 135 -5.37 -13.62 -1.82
CA GLU B 135 -5.98 -12.55 -0.99
C GLU B 135 -6.78 -13.21 0.14
N ILE B 136 -6.44 -12.93 1.39
CA ILE B 136 -7.19 -13.39 2.59
C ILE B 136 -8.66 -12.96 2.48
N GLN B 137 -8.96 -11.75 1.99
CA GLN B 137 -10.35 -11.22 1.95
C GLN B 137 -11.23 -12.13 1.07
N THR B 138 -10.68 -12.75 0.03
CA THR B 138 -11.51 -13.61 -0.87
C THR B 138 -11.78 -14.95 -0.18
N LEU B 139 -10.94 -15.39 0.75
CA LEU B 139 -11.21 -16.60 1.56
C LEU B 139 -12.26 -16.28 2.63
N THR B 140 -12.13 -15.19 3.37
CA THR B 140 -13.10 -14.82 4.43
C THR B 140 -14.44 -14.46 3.76
N GLY B 141 -14.38 -13.81 2.59
CA GLY B 141 -15.56 -13.37 1.82
C GLY B 141 -16.54 -14.50 1.53
N LEU B 142 -16.03 -15.72 1.37
CA LEU B 142 -16.86 -16.89 0.99
C LEU B 142 -17.82 -17.23 2.13
N PHE B 143 -17.55 -16.76 3.36
CA PHE B 143 -18.35 -17.09 4.57
C PHE B 143 -19.15 -15.88 5.12
N LYS B 144 -19.09 -14.73 4.44
CA LYS B 144 -19.86 -13.51 4.77
C LYS B 144 -21.34 -13.83 4.65
N GLY B 145 -22.19 -13.35 5.57
CA GLY B 145 -23.67 -13.46 5.55
C GLY B 145 -24.25 -13.62 4.14
N ASP B 146 -23.96 -12.69 3.25
CA ASP B 146 -24.49 -12.67 1.86
C ASP B 146 -24.31 -14.06 1.21
N LYS B 147 -23.12 -14.65 1.32
CA LYS B 147 -22.64 -15.74 0.41
C LYS B 147 -22.74 -17.11 1.09
N CYS B 148 -23.04 -17.17 2.39
CA CYS B 148 -23.11 -18.45 3.15
C CYS B 148 -24.19 -18.31 4.23
N HIS B 149 -25.45 -18.46 3.82
CA HIS B 149 -26.65 -18.14 4.61
C HIS B 149 -26.65 -18.98 5.90
N SER B 150 -26.25 -20.25 5.83
CA SER B 150 -26.29 -21.22 6.96
C SER B 150 -25.34 -20.83 8.10
N LEU B 151 -24.50 -19.79 7.93
CA LEU B 151 -23.54 -19.34 8.96
C LEU B 151 -23.86 -17.92 9.46
N VAL B 152 -24.89 -17.27 8.90
CA VAL B 152 -25.35 -15.95 9.39
C VAL B 152 -25.58 -16.06 10.89
N GLY B 153 -25.05 -15.12 11.68
CA GLY B 153 -25.23 -15.04 13.14
C GLY B 153 -24.45 -16.11 13.89
N LYS B 154 -23.62 -16.89 13.21
CA LYS B 154 -22.76 -17.92 13.85
C LYS B 154 -21.29 -17.48 13.77
N PRO B 155 -20.46 -17.78 14.80
CA PRO B 155 -19.07 -17.35 14.79
C PRO B 155 -18.28 -17.96 13.62
N LYS B 156 -17.49 -17.14 12.96
CA LYS B 156 -16.54 -17.58 11.89
C LYS B 156 -15.15 -17.19 12.35
N ILE B 157 -14.33 -18.17 12.71
CA ILE B 157 -13.03 -17.95 13.41
C ILE B 157 -11.90 -18.31 12.46
N PHE B 158 -11.07 -17.34 12.08
CA PHE B 158 -9.83 -17.56 11.29
C PHE B 158 -8.61 -17.38 12.18
N ILE B 159 -7.71 -18.36 12.14
CA ILE B 159 -6.43 -18.33 12.90
C ILE B 159 -5.28 -18.34 11.90
N ILE B 160 -4.35 -17.38 12.00
CA ILE B 160 -3.30 -17.17 10.96
C ILE B 160 -1.91 -17.08 11.60
N GLN B 161 -1.15 -18.15 11.43
CA GLN B 161 0.29 -18.23 11.71
C GLN B 161 0.98 -18.10 10.34
N ALA B 162 1.24 -16.86 9.95
CA ALA B 162 1.94 -16.52 8.70
C ALA B 162 2.84 -15.32 8.96
N ALA B 163 4.05 -15.39 8.43
CA ALA B 163 5.04 -14.31 8.50
C ALA B 163 5.87 -14.32 7.22
N ARG B 164 6.96 -13.54 7.19
CA ARG B 164 7.86 -13.31 6.02
C ARG B 164 8.87 -14.48 5.94
N GLY B 165 9.01 -15.08 4.75
CA GLY B 165 10.02 -16.12 4.47
C GLY B 165 11.44 -15.56 4.49
N ASN B 166 12.25 -16.06 5.44
CA ASN B 166 13.40 -15.36 6.04
C ASN B 166 14.69 -15.47 5.21
N GLN B 167 14.94 -16.55 4.43
CA GLN B 167 16.32 -16.96 4.00
C GLN B 167 17.09 -15.84 3.29
N THR B 187 19.18 -29.46 16.46
CA THR B 187 18.12 -30.50 16.24
C THR B 187 16.73 -29.82 16.32
N ASN B 188 16.39 -29.20 17.46
CA ASN B 188 15.21 -28.28 17.66
C ASN B 188 15.71 -26.84 17.79
N ILE B 189 15.85 -26.15 16.64
CA ILE B 189 16.29 -24.72 16.55
C ILE B 189 15.04 -23.83 16.60
N THR B 190 15.14 -22.66 17.21
CA THR B 190 14.05 -21.64 17.19
C THR B 190 14.30 -20.69 16.02
N GLU B 191 13.48 -20.75 14.95
CA GLU B 191 13.58 -19.84 13.79
C GLU B 191 12.68 -18.64 14.08
N VAL B 192 13.10 -17.45 13.66
CA VAL B 192 12.36 -16.19 13.95
C VAL B 192 12.12 -15.43 12.64
N ASP B 193 10.85 -15.13 12.37
CA ASP B 193 10.37 -14.40 11.17
C ASP B 193 9.82 -13.03 11.60
N ALA B 194 9.96 -12.03 10.75
CA ALA B 194 9.31 -10.71 10.98
C ALA B 194 7.81 -10.85 10.67
N ALA B 195 6.97 -10.19 11.46
CA ALA B 195 5.53 -10.00 11.12
C ALA B 195 5.42 -9.44 9.70
N SER B 196 4.41 -9.87 8.96
CA SER B 196 4.20 -9.46 7.55
C SER B 196 2.72 -9.34 7.20
N VAL B 197 1.84 -10.10 7.88
CA VAL B 197 0.41 -10.24 7.48
C VAL B 197 -0.39 -9.24 8.28
N TYR B 198 -1.11 -8.39 7.57
CA TYR B 198 -1.93 -7.32 8.17
C TYR B 198 -2.97 -7.98 9.08
N THR B 199 -3.22 -7.40 10.25
CA THR B 199 -4.22 -7.88 11.25
C THR B 199 -5.61 -7.39 10.83
N LEU B 200 -6.12 -7.93 9.73
CA LEU B 200 -7.39 -7.52 9.06
C LEU B 200 -8.60 -8.01 9.83
N PRO B 201 -9.75 -7.34 9.65
CA PRO B 201 -10.99 -7.62 10.36
C PRO B 201 -12.21 -8.17 9.60
N ALA B 202 -12.06 -8.93 8.54
CA ALA B 202 -13.21 -9.69 7.95
C ALA B 202 -14.64 -9.04 8.00
N GLY B 203 -15.49 -9.17 9.03
CA GLY B 203 -16.95 -8.93 8.90
C GLY B 203 -17.77 -9.42 10.08
N ALA B 204 -19.07 -9.15 10.08
CA ALA B 204 -19.93 -9.39 11.27
C ALA B 204 -19.81 -10.85 11.68
N ASP B 205 -19.50 -11.08 12.94
CA ASP B 205 -19.49 -12.42 13.60
C ASP B 205 -18.22 -13.20 13.20
N PHE B 206 -17.25 -12.55 12.56
CA PHE B 206 -15.88 -13.10 12.41
C PHE B 206 -14.98 -12.73 13.59
N LEU B 207 -14.06 -13.64 13.91
CA LEU B 207 -12.93 -13.44 14.85
C LEU B 207 -11.64 -13.80 14.12
N MET B 208 -10.84 -12.81 13.75
CA MET B 208 -9.53 -13.03 13.09
C MET B 208 -8.45 -13.05 14.17
N CYS B 209 -7.68 -14.15 14.25
CA CYS B 209 -6.65 -14.42 15.28
C CYS B 209 -5.26 -14.50 14.63
N TYR B 210 -4.29 -13.72 15.11
CA TYR B 210 -2.98 -13.50 14.45
C TYR B 210 -1.83 -13.87 15.41
N SER B 211 -0.91 -14.73 14.94
CA SER B 211 0.35 -15.11 15.62
C SER B 211 1.12 -13.90 16.16
N VAL B 212 1.12 -12.79 15.42
CA VAL B 212 2.08 -11.66 15.61
C VAL B 212 1.54 -10.38 15.00
N ALA B 213 1.87 -9.24 15.60
CA ALA B 213 1.42 -7.88 15.18
C ALA B 213 2.57 -7.14 14.49
N GLU B 214 2.26 -6.01 13.83
CA GLU B 214 3.26 -5.16 13.13
C GLU B 214 4.38 -4.79 14.12
N GLY B 215 5.62 -4.91 13.68
CA GLY B 215 6.84 -4.56 14.45
C GLY B 215 7.26 -5.64 15.43
N TYR B 216 6.56 -6.77 15.53
CA TYR B 216 6.97 -7.91 16.41
C TYR B 216 7.48 -9.07 15.55
N TYR B 217 7.92 -10.15 16.19
CA TYR B 217 8.52 -11.31 15.49
C TYR B 217 7.81 -12.60 15.92
N SER B 218 7.56 -13.49 14.95
CA SER B 218 6.94 -14.82 15.17
C SER B 218 8.08 -15.84 15.27
N HIS B 219 7.97 -16.74 16.25
CA HIS B 219 8.95 -17.80 16.58
C HIS B 219 8.36 -19.19 16.23
N ARG B 220 9.15 -20.04 15.58
CA ARG B 220 8.80 -21.46 15.29
C ARG B 220 9.99 -22.34 15.68
N GLU B 221 9.79 -23.24 16.64
CA GLU B 221 10.74 -24.32 17.03
C GLU B 221 10.59 -25.42 15.98
N THR B 222 11.68 -26.01 15.49
CA THR B 222 11.65 -26.87 14.28
C THR B 222 11.05 -28.24 14.59
N VAL B 223 10.86 -28.58 15.87
CA VAL B 223 10.18 -29.84 16.28
C VAL B 223 8.87 -29.51 17.02
N ASN B 224 8.93 -28.60 17.99
CA ASN B 224 7.80 -28.27 18.91
C ASN B 224 6.75 -27.39 18.26
N GLY B 225 7.11 -26.62 17.24
CA GLY B 225 6.18 -25.76 16.47
C GLY B 225 6.21 -24.30 16.91
N SER B 226 5.26 -23.53 16.38
CA SER B 226 5.15 -22.06 16.56
C SER B 226 4.81 -21.73 18.02
N TRP B 227 5.45 -20.72 18.59
CA TRP B 227 5.18 -20.28 19.99
C TRP B 227 3.68 -20.02 20.13
N TYR B 228 3.11 -19.27 19.19
CA TYR B 228 1.68 -18.84 19.22
C TYR B 228 0.80 -20.09 19.33
N ILE B 229 1.15 -21.11 18.56
CA ILE B 229 0.26 -22.29 18.37
C ILE B 229 0.44 -23.27 19.52
N GLN B 230 1.67 -23.42 20.01
CA GLN B 230 1.93 -24.17 21.26
C GLN B 230 1.02 -23.59 22.35
N ASP B 231 1.04 -22.27 22.52
CA ASP B 231 0.36 -21.59 23.66
C ASP B 231 -1.15 -21.58 23.40
N LEU B 232 -1.58 -21.35 22.15
CA LEU B 232 -3.01 -21.50 21.82
C LEU B 232 -3.47 -22.90 22.22
N CYS B 233 -2.71 -23.93 21.81
CA CYS B 233 -3.12 -25.34 22.01
C CYS B 233 -3.09 -25.69 23.50
N GLU B 234 -2.10 -25.21 24.25
CA GLU B 234 -2.06 -25.44 25.73
C GLU B 234 -3.34 -24.86 26.36
N MET B 235 -3.73 -23.65 25.97
CA MET B 235 -4.90 -22.97 26.56
C MET B 235 -6.18 -23.67 26.10
N LEU B 236 -6.25 -24.17 24.87
CA LEU B 236 -7.44 -24.95 24.43
C LEU B 236 -7.59 -26.19 25.32
N GLY B 237 -6.50 -26.89 25.58
CA GLY B 237 -6.44 -28.07 26.47
C GLY B 237 -6.95 -27.79 27.87
N LYS B 238 -6.38 -26.82 28.56
CA LYS B 238 -6.75 -26.49 29.96
C LYS B 238 -8.17 -25.88 30.01
N TYR B 239 -8.52 -24.96 29.10
CA TYR B 239 -9.63 -24.00 29.30
C TYR B 239 -10.62 -23.95 28.11
N GLY B 240 -10.33 -24.57 26.98
CA GLY B 240 -11.18 -24.51 25.76
C GLY B 240 -12.65 -24.70 26.08
N SER B 241 -12.95 -25.69 26.92
CA SER B 241 -14.33 -26.18 27.19
C SER B 241 -15.02 -25.36 28.28
N SER B 242 -14.33 -24.46 28.98
CA SER B 242 -14.92 -23.65 30.08
C SER B 242 -14.97 -22.15 29.73
N LEU B 243 -13.85 -21.58 29.25
CA LEU B 243 -13.64 -20.12 29.13
C LEU B 243 -14.24 -19.58 27.83
N GLU B 244 -14.63 -18.30 27.87
CA GLU B 244 -15.07 -17.52 26.69
C GLU B 244 -13.86 -17.37 25.77
N PHE B 245 -14.05 -17.49 24.46
CA PHE B 245 -12.91 -17.80 23.56
C PHE B 245 -11.99 -16.58 23.49
N THR B 246 -12.53 -15.36 23.53
CA THR B 246 -11.70 -14.12 23.54
C THR B 246 -10.96 -14.05 24.90
N GLU B 247 -11.55 -14.49 26.02
CA GLU B 247 -10.83 -14.60 27.32
C GLU B 247 -9.57 -15.47 27.13
N LEU B 248 -9.75 -16.59 26.43
CA LEU B 248 -8.70 -17.59 26.17
C LEU B 248 -7.60 -16.98 25.32
N LEU B 249 -7.98 -16.36 24.19
CA LEU B 249 -7.04 -15.70 23.24
C LEU B 249 -6.20 -14.67 23.99
N THR B 250 -6.77 -14.03 25.01
CA THR B 250 -6.11 -13.00 25.87
C THR B 250 -5.06 -13.69 26.72
N LEU B 251 -5.39 -14.83 27.33
CA LEU B 251 -4.39 -15.72 27.99
C LEU B 251 -3.25 -15.98 27.02
N VAL B 252 -3.56 -16.29 25.76
CA VAL B 252 -2.53 -16.63 24.74
C VAL B 252 -1.63 -15.40 24.54
N ASN B 253 -2.22 -14.22 24.48
CA ASN B 253 -1.46 -12.95 24.35
C ASN B 253 -0.51 -12.84 25.54
N ARG B 254 -0.98 -13.14 26.76
CA ARG B 254 -0.10 -13.04 27.95
C ARG B 254 1.03 -14.06 27.79
N LYS B 255 0.71 -15.32 27.52
CA LYS B 255 1.71 -16.44 27.50
C LYS B 255 2.83 -16.05 26.53
N VAL B 256 2.48 -15.61 25.32
CA VAL B 256 3.46 -15.40 24.23
C VAL B 256 4.27 -14.12 24.51
N SER B 257 3.61 -13.05 24.93
CA SER B 257 4.24 -11.75 25.32
C SER B 257 5.32 -12.00 26.38
N GLN B 258 5.07 -12.94 27.31
CA GLN B 258 5.95 -13.28 28.45
C GLN B 258 7.12 -14.21 28.05
N ARG B 259 7.10 -14.83 26.88
CA ARG B 259 8.26 -15.66 26.45
C ARG B 259 9.48 -14.75 26.31
N ARG B 260 10.58 -15.14 26.99
CA ARG B 260 11.79 -14.31 27.18
C ARG B 260 12.66 -14.47 25.94
N VAL B 261 13.31 -13.39 25.54
CA VAL B 261 14.00 -13.27 24.22
C VAL B 261 15.30 -12.47 24.40
N ASP B 262 15.92 -12.53 25.59
CA ASP B 262 17.14 -11.79 25.99
C ASP B 262 18.38 -12.72 25.92
N PHE B 263 18.22 -14.02 26.19
CA PHE B 263 19.31 -15.02 26.32
C PHE B 263 19.11 -16.10 25.25
N CYS B 264 19.30 -15.77 23.97
CA CYS B 264 19.04 -16.67 22.81
C CYS B 264 20.33 -17.30 22.26
N LYS B 265 20.25 -18.57 21.82
CA LYS B 265 21.38 -19.28 21.17
C LYS B 265 21.90 -18.47 19.98
N ASP B 266 21.02 -17.76 19.26
CA ASP B 266 21.43 -16.83 18.18
C ASP B 266 21.52 -15.43 18.79
N PRO B 267 22.68 -14.73 18.70
CA PRO B 267 22.77 -13.33 19.12
C PRO B 267 21.79 -12.38 18.39
N SER B 268 21.57 -12.58 17.09
CA SER B 268 20.75 -11.69 16.23
C SER B 268 19.25 -11.83 16.56
N ALA B 269 18.86 -12.87 17.29
CA ALA B 269 17.46 -13.16 17.67
C ALA B 269 17.11 -12.51 19.01
N ILE B 270 18.09 -11.90 19.70
CA ILE B 270 17.89 -11.22 21.02
C ILE B 270 16.98 -10.00 20.82
N GLY B 271 16.01 -9.80 21.72
CA GLY B 271 15.15 -8.60 21.80
C GLY B 271 14.07 -8.55 20.75
N LYS B 272 13.93 -9.62 19.95
CA LYS B 272 12.84 -9.80 18.97
C LYS B 272 11.60 -10.37 19.69
N LYS B 273 10.85 -9.53 20.40
CA LYS B 273 9.67 -9.96 21.21
C LYS B 273 8.54 -10.42 20.27
N GLN B 274 7.60 -11.21 20.82
CA GLN B 274 6.41 -11.65 20.05
C GLN B 274 5.14 -11.22 20.80
N VAL B 275 4.28 -10.46 20.11
CA VAL B 275 2.95 -10.07 20.64
C VAL B 275 1.89 -10.46 19.62
N PRO B 276 1.00 -11.42 19.95
CA PRO B 276 -0.10 -11.75 19.05
C PRO B 276 -1.23 -10.74 19.27
N CYS B 277 -2.27 -10.83 18.46
CA CYS B 277 -3.52 -10.07 18.65
C CYS B 277 -4.70 -10.82 18.04
N PHE B 278 -5.90 -10.33 18.33
CA PHE B 278 -7.14 -10.74 17.63
C PHE B 278 -7.97 -9.50 17.31
N ALA B 279 -8.63 -9.56 16.15
CA ALA B 279 -9.60 -8.55 15.70
C ALA B 279 -11.00 -9.17 15.79
N SER B 280 -11.80 -8.75 16.77
CA SER B 280 -13.15 -9.29 17.03
C SER B 280 -14.19 -8.42 16.34
N MET B 281 -15.03 -9.05 15.54
CA MET B 281 -16.29 -8.49 15.02
C MET B 281 -17.44 -9.34 15.61
N LEU B 282 -17.16 -10.12 16.67
CA LEU B 282 -18.18 -10.95 17.34
C LEU B 282 -19.21 -10.03 18.01
N THR B 283 -20.43 -10.53 18.22
CA THR B 283 -21.58 -9.77 18.74
C THR B 283 -22.11 -10.43 20.02
N LYS B 284 -21.48 -11.52 20.46
CA LYS B 284 -21.92 -12.26 21.67
C LYS B 284 -20.74 -12.99 22.29
N LYS B 285 -20.91 -13.39 23.55
CA LYS B 285 -19.98 -14.28 24.27
C LYS B 285 -19.93 -15.61 23.49
N LEU B 286 -18.75 -16.22 23.36
CA LEU B 286 -18.49 -17.48 22.60
C LEU B 286 -17.89 -18.52 23.54
N HIS B 287 -18.60 -19.63 23.74
CA HIS B 287 -18.12 -20.77 24.57
C HIS B 287 -18.16 -22.06 23.76
N PHE B 288 -17.28 -22.99 24.10
CA PHE B 288 -17.23 -24.36 23.50
C PHE B 288 -17.48 -25.39 24.60
N PHE B 289 -18.55 -25.19 25.37
CA PHE B 289 -19.03 -26.13 26.41
C PHE B 289 -19.22 -27.51 25.77
N PRO B 290 -18.96 -28.61 26.50
CA PRO B 290 -19.12 -29.96 25.95
C PRO B 290 -20.53 -30.17 25.40
N LYS B 291 -20.67 -30.78 24.23
CA LYS B 291 -21.98 -31.01 23.57
C LYS B 291 -22.65 -32.28 24.14
N SER B 292 -23.97 -32.25 24.30
CA SER B 292 -24.78 -33.33 24.93
C SER B 292 -25.08 -34.40 23.89
N ASN B 293 -24.53 -35.62 24.05
CA ASN B 293 -24.75 -36.74 23.10
C ASN B 293 -26.21 -37.22 23.24
N MET C 30 35.23 10.41 -21.86
CA MET C 30 34.92 11.02 -23.19
C MET C 30 33.38 11.09 -23.39
N PHE C 31 32.65 11.69 -22.45
CA PHE C 31 31.17 11.61 -22.25
C PHE C 31 30.39 12.10 -23.46
N ASP C 32 29.33 11.38 -23.88
CA ASP C 32 28.64 11.59 -25.19
C ASP C 32 27.15 11.75 -24.96
N PRO C 33 26.56 12.94 -25.16
CA PRO C 33 25.13 13.14 -24.89
C PRO C 33 24.20 12.39 -25.86
N ALA C 34 24.74 11.68 -26.86
CA ALA C 34 23.93 10.98 -27.89
C ALA C 34 24.22 9.46 -27.83
N GLU C 35 24.82 8.99 -26.74
CA GLU C 35 25.20 7.57 -26.58
C GLU C 35 23.95 6.71 -26.82
N LYS C 36 24.09 5.71 -27.69
CA LYS C 36 23.06 4.67 -28.00
C LYS C 36 23.45 3.38 -27.28
N TYR C 37 22.47 2.61 -26.82
CA TYR C 37 22.73 1.21 -26.39
C TYR C 37 23.35 0.51 -27.59
N LYS C 38 24.34 -0.35 -27.32
CA LYS C 38 25.02 -1.21 -28.33
C LYS C 38 23.97 -2.21 -28.88
N MET C 39 23.50 -2.00 -30.12
CA MET C 39 22.46 -2.86 -30.73
C MET C 39 23.00 -3.54 -32.01
N ASP C 40 24.27 -3.98 -32.00
CA ASP C 40 25.01 -4.61 -33.14
C ASP C 40 25.44 -6.06 -32.77
N HIS C 41 24.73 -6.74 -31.87
CA HIS C 41 24.92 -8.18 -31.55
C HIS C 41 24.37 -9.04 -32.69
N ARG C 42 24.65 -10.35 -32.68
CA ARG C 42 24.26 -11.27 -33.76
C ARG C 42 22.72 -11.27 -33.91
N ARG C 43 21.98 -11.46 -32.82
CA ARG C 43 20.49 -11.51 -32.83
C ARG C 43 19.93 -10.31 -32.06
N ARG C 44 18.67 -9.94 -32.31
CA ARG C 44 17.99 -8.86 -31.58
C ARG C 44 17.71 -9.31 -30.14
N GLY C 45 17.16 -10.52 -29.99
CA GLY C 45 16.78 -11.09 -28.68
C GLY C 45 15.38 -11.69 -28.67
N ILE C 46 14.97 -12.16 -27.49
CA ILE C 46 13.64 -12.80 -27.29
C ILE C 46 12.60 -11.74 -26.90
N ALA C 47 11.38 -11.87 -27.41
CA ALA C 47 10.17 -11.16 -26.95
C ALA C 47 9.18 -12.21 -26.42
N LEU C 48 9.08 -12.33 -25.09
CA LEU C 48 8.03 -13.14 -24.43
C LEU C 48 6.70 -12.41 -24.52
N ILE C 49 5.63 -13.14 -24.79
CA ILE C 49 4.25 -12.63 -24.72
C ILE C 49 3.42 -13.63 -23.94
N PHE C 50 3.07 -13.30 -22.70
CA PHE C 50 2.10 -14.04 -21.88
C PHE C 50 0.72 -13.45 -22.14
N ASN C 51 -0.15 -14.25 -22.73
CA ASN C 51 -1.46 -13.83 -23.26
C ASN C 51 -2.57 -14.53 -22.48
N HIS C 52 -3.42 -13.79 -21.79
CA HIS C 52 -4.44 -14.33 -20.85
C HIS C 52 -5.84 -13.89 -21.30
N GLU C 53 -6.65 -14.87 -21.74
CA GLU C 53 -8.04 -14.66 -22.26
C GLU C 53 -9.07 -15.09 -21.22
N ARG C 54 -8.81 -16.20 -20.52
CA ARG C 54 -9.76 -16.83 -19.57
C ARG C 54 -9.02 -17.05 -18.25
N PHE C 55 -9.78 -17.20 -17.16
CA PHE C 55 -9.23 -17.36 -15.79
C PHE C 55 -9.99 -18.47 -15.06
N PHE C 56 -9.30 -19.18 -14.18
CA PHE C 56 -9.87 -20.11 -13.18
C PHE C 56 -11.19 -19.52 -12.64
N TRP C 57 -12.25 -20.32 -12.60
CA TRP C 57 -13.61 -19.83 -12.21
C TRP C 57 -13.48 -19.03 -10.90
N HIS C 58 -12.83 -19.57 -9.86
CA HIS C 58 -12.88 -19.04 -8.48
C HIS C 58 -12.13 -17.71 -8.33
N LEU C 59 -11.54 -17.17 -9.40
CA LEU C 59 -10.95 -15.80 -9.42
C LEU C 59 -12.03 -14.77 -9.75
N THR C 60 -13.15 -15.19 -10.35
CA THR C 60 -14.27 -14.26 -10.70
C THR C 60 -13.71 -13.12 -11.54
N LEU C 61 -13.08 -13.43 -12.67
CA LEU C 61 -12.46 -12.46 -13.61
C LEU C 61 -13.06 -12.70 -14.99
N PRO C 62 -13.44 -11.64 -15.73
CA PRO C 62 -14.08 -11.81 -17.03
C PRO C 62 -13.11 -12.23 -18.13
N GLU C 63 -13.60 -12.92 -19.16
CA GLU C 63 -12.89 -13.16 -20.44
C GLU C 63 -12.31 -11.84 -20.93
N ARG C 64 -11.21 -11.87 -21.65
CA ARG C 64 -10.58 -10.66 -22.24
C ARG C 64 -10.68 -10.83 -23.77
N ARG C 65 -11.90 -10.92 -24.30
CA ARG C 65 -12.15 -11.13 -25.74
C ARG C 65 -11.44 -10.01 -26.50
N GLY C 66 -10.56 -10.37 -27.45
CA GLY C 66 -9.77 -9.42 -28.25
C GLY C 66 -8.28 -9.49 -27.94
N THR C 67 -7.90 -10.15 -26.85
CA THR C 67 -6.47 -10.23 -26.43
C THR C 67 -5.66 -10.97 -27.52
N CYS C 68 -6.28 -11.87 -28.28
CA CYS C 68 -5.57 -12.63 -29.36
C CYS C 68 -5.21 -11.68 -30.50
N ALA C 69 -6.03 -10.67 -30.80
CA ALA C 69 -5.64 -9.63 -31.77
C ALA C 69 -4.34 -8.99 -31.27
N ASP C 70 -4.30 -8.63 -29.98
CA ASP C 70 -3.14 -7.94 -29.34
C ASP C 70 -1.90 -8.85 -29.52
N ARG C 71 -1.99 -10.11 -29.12
CA ARG C 71 -0.92 -11.13 -29.25
C ARG C 71 -0.42 -11.22 -30.70
N ASP C 72 -1.33 -11.26 -31.68
CA ASP C 72 -0.95 -11.50 -33.10
C ASP C 72 -0.29 -10.23 -33.65
N ASN C 73 -0.85 -9.06 -33.33
CA ASN C 73 -0.34 -7.72 -33.77
C ASN C 73 1.07 -7.53 -33.18
N LEU C 74 1.21 -7.78 -31.89
CA LEU C 74 2.51 -7.64 -31.18
C LEU C 74 3.49 -8.61 -31.84
N THR C 75 3.08 -9.86 -32.07
CA THR C 75 3.97 -10.92 -32.60
C THR C 75 4.55 -10.45 -33.94
N ARG C 76 3.70 -9.93 -34.81
CA ARG C 76 4.12 -9.49 -36.15
C ARG C 76 5.11 -8.32 -36.02
N ARG C 77 4.79 -7.30 -35.23
CA ARG C 77 5.60 -6.04 -35.18
C ARG C 77 6.97 -6.28 -34.56
N PHE C 78 7.04 -7.15 -33.55
CA PHE C 78 8.32 -7.46 -32.86
C PHE C 78 9.14 -8.40 -33.74
N SER C 79 8.49 -9.30 -34.48
CA SER C 79 9.16 -10.14 -35.50
C SER C 79 9.84 -9.23 -36.53
N ASP C 80 9.13 -8.25 -37.10
CA ASP C 80 9.68 -7.37 -38.15
C ASP C 80 10.84 -6.52 -37.60
N LEU C 81 11.03 -6.44 -36.28
CA LEU C 81 12.18 -5.72 -35.68
C LEU C 81 13.30 -6.71 -35.30
N GLY C 82 13.08 -7.99 -35.58
CA GLY C 82 14.13 -9.03 -35.51
C GLY C 82 14.04 -9.88 -34.25
N PHE C 83 12.98 -9.76 -33.46
CA PHE C 83 12.83 -10.53 -32.20
C PHE C 83 12.39 -11.96 -32.56
N GLU C 84 12.95 -12.94 -31.85
CA GLU C 84 12.43 -14.32 -31.74
C GLU C 84 11.22 -14.22 -30.78
N VAL C 85 10.01 -14.10 -31.31
CA VAL C 85 8.79 -13.93 -30.47
C VAL C 85 8.35 -15.29 -29.96
N LYS C 86 8.20 -15.46 -28.64
CA LYS C 86 7.71 -16.70 -28.01
C LYS C 86 6.42 -16.37 -27.25
N CYS C 87 5.24 -16.83 -27.72
CA CYS C 87 3.90 -16.59 -27.11
C CYS C 87 3.47 -17.77 -26.24
N PHE C 88 2.77 -17.52 -25.13
CA PHE C 88 2.20 -18.56 -24.22
C PHE C 88 0.80 -18.16 -23.77
N ASN C 89 -0.18 -19.05 -23.99
CA ASN C 89 -1.61 -18.76 -23.72
C ASN C 89 -2.02 -19.40 -22.39
N ASP C 90 -2.59 -18.58 -21.51
CA ASP C 90 -3.38 -19.03 -20.33
C ASP C 90 -2.56 -20.01 -19.48
N LEU C 91 -1.29 -19.70 -19.24
CA LEU C 91 -0.42 -20.48 -18.32
C LEU C 91 -0.89 -20.27 -16.88
N LYS C 92 -0.86 -21.35 -16.10
CA LYS C 92 -1.00 -21.29 -14.62
C LYS C 92 0.30 -20.70 -14.04
N ALA C 93 0.28 -20.23 -12.80
CA ALA C 93 1.41 -19.52 -12.16
C ALA C 93 2.68 -20.38 -12.28
N GLU C 94 2.61 -21.62 -11.82
CA GLU C 94 3.76 -22.57 -11.86
C GLU C 94 4.37 -22.60 -13.28
N GLU C 95 3.54 -22.83 -14.30
CA GLU C 95 4.03 -22.96 -15.71
C GLU C 95 4.70 -21.66 -16.14
N LEU C 96 4.11 -20.51 -15.80
CA LEU C 96 4.59 -19.17 -16.23
C LEU C 96 5.96 -18.90 -15.60
N LEU C 97 6.05 -19.05 -14.29
CA LEU C 97 7.33 -18.91 -13.57
C LEU C 97 8.37 -19.87 -14.18
N LEU C 98 8.02 -21.11 -14.52
CA LEU C 98 8.99 -22.05 -15.15
C LEU C 98 9.49 -21.46 -16.46
N LYS C 99 8.61 -20.96 -17.34
CA LYS C 99 9.03 -20.51 -18.69
C LYS C 99 9.88 -19.26 -18.57
N ILE C 100 9.48 -18.36 -17.69
CA ILE C 100 10.17 -17.04 -17.61
C ILE C 100 11.50 -17.25 -16.88
N HIS C 101 11.58 -18.19 -15.94
CA HIS C 101 12.85 -18.52 -15.24
C HIS C 101 13.81 -19.17 -16.24
N GLU C 102 13.33 -20.13 -17.01
CA GLU C 102 14.05 -20.78 -18.12
C GLU C 102 14.72 -19.69 -18.97
N VAL C 103 13.94 -18.76 -19.50
CA VAL C 103 14.42 -17.67 -20.40
C VAL C 103 15.43 -16.79 -19.67
N SER C 104 15.31 -16.64 -18.35
CA SER C 104 16.20 -15.72 -17.59
C SER C 104 17.58 -16.36 -17.37
N THR C 105 17.72 -17.68 -17.51
CA THR C 105 18.94 -18.45 -17.11
C THR C 105 19.67 -19.02 -18.34
N VAL C 106 18.99 -19.11 -19.48
CA VAL C 106 19.60 -19.21 -20.83
C VAL C 106 20.54 -18.00 -21.01
N SER C 107 21.47 -18.06 -21.96
CA SER C 107 22.44 -16.97 -22.25
C SER C 107 21.84 -16.01 -23.28
N HIS C 108 21.92 -14.71 -23.02
CA HIS C 108 21.54 -13.61 -23.96
C HIS C 108 22.79 -12.90 -24.48
N ALA C 109 23.96 -13.50 -24.24
CA ALA C 109 25.27 -12.92 -24.58
C ALA C 109 25.29 -12.36 -26.02
N ASP C 110 24.66 -13.06 -26.96
CA ASP C 110 24.71 -12.69 -28.40
C ASP C 110 23.47 -11.86 -28.79
N ALA C 111 22.78 -11.24 -27.82
CA ALA C 111 21.50 -10.53 -28.06
C ALA C 111 21.63 -9.06 -27.66
N ASP C 112 20.89 -8.23 -28.41
CA ASP C 112 20.79 -6.75 -28.19
C ASP C 112 20.05 -6.44 -26.89
N CYS C 113 18.89 -7.08 -26.68
CA CYS C 113 17.98 -6.74 -25.57
C CYS C 113 17.01 -7.87 -25.28
N PHE C 114 16.06 -7.59 -24.39
CA PHE C 114 14.98 -8.49 -23.96
C PHE C 114 13.68 -7.71 -23.85
N VAL C 115 12.61 -8.27 -24.39
CA VAL C 115 11.23 -7.75 -24.31
C VAL C 115 10.35 -8.81 -23.69
N CYS C 116 9.48 -8.43 -22.78
CA CYS C 116 8.51 -9.32 -22.12
C CYS C 116 7.18 -8.57 -22.06
N VAL C 117 6.10 -9.18 -22.55
CA VAL C 117 4.77 -8.52 -22.61
C VAL C 117 3.76 -9.34 -21.79
N PHE C 118 2.95 -8.65 -21.00
CA PHE C 118 1.83 -9.23 -20.20
C PHE C 118 0.51 -8.65 -20.69
N LEU C 119 -0.37 -9.53 -21.16
CA LEU C 119 -1.77 -9.24 -21.57
C LEU C 119 -2.66 -10.02 -20.62
N SER C 120 -3.11 -9.39 -19.54
CA SER C 120 -3.94 -10.06 -18.52
C SER C 120 -4.69 -9.04 -17.68
N HIS C 121 -5.26 -9.48 -16.58
CA HIS C 121 -5.75 -8.62 -15.49
C HIS C 121 -4.59 -8.41 -14.52
N GLY C 122 -4.68 -7.38 -13.69
CA GLY C 122 -3.68 -7.09 -12.65
C GLY C 122 -4.29 -6.27 -11.54
N GLU C 123 -3.56 -6.14 -10.44
CA GLU C 123 -3.92 -5.32 -9.26
C GLU C 123 -2.60 -4.97 -8.57
N GLY C 124 -2.36 -3.69 -8.31
CA GLY C 124 -1.22 -3.23 -7.50
C GLY C 124 0.09 -3.68 -8.11
N ASN C 125 0.85 -4.52 -7.40
CA ASN C 125 2.15 -5.01 -7.90
C ASN C 125 2.00 -6.39 -8.56
N HIS C 126 0.78 -6.77 -8.97
CA HIS C 126 0.48 -8.15 -9.43
C HIS C 126 -0.07 -8.14 -10.85
N ILE C 127 0.35 -9.12 -11.65
CA ILE C 127 -0.32 -9.56 -12.89
C ILE C 127 -1.06 -10.85 -12.53
N TYR C 128 -2.16 -11.15 -13.21
CA TYR C 128 -2.86 -12.45 -13.06
C TYR C 128 -2.37 -13.43 -14.13
N ALA C 129 -1.89 -14.59 -13.70
CA ALA C 129 -1.87 -15.83 -14.51
C ALA C 129 -3.29 -16.39 -14.50
N TYR C 130 -3.51 -17.56 -15.12
CA TYR C 130 -4.83 -18.24 -15.20
C TYR C 130 -5.42 -18.46 -13.80
N ASP C 131 -4.56 -18.82 -12.83
CA ASP C 131 -5.04 -19.46 -11.57
C ASP C 131 -4.74 -18.60 -10.32
N ALA C 132 -3.82 -17.65 -10.40
CA ALA C 132 -3.44 -16.82 -9.24
C ALA C 132 -2.60 -15.62 -9.72
N LYS C 133 -2.39 -14.67 -8.81
CA LYS C 133 -1.61 -13.45 -9.13
C LYS C 133 -0.13 -13.71 -8.83
N ILE C 134 0.74 -13.03 -9.56
CA ILE C 134 2.22 -13.07 -9.39
C ILE C 134 2.74 -11.64 -9.21
N GLU C 135 3.65 -11.43 -8.23
CA GLU C 135 4.35 -10.14 -8.04
C GLU C 135 5.14 -9.82 -9.32
N ILE C 136 4.88 -8.68 -9.92
CA ILE C 136 5.66 -8.13 -11.07
C ILE C 136 7.15 -8.07 -10.71
N GLN C 137 7.50 -7.67 -9.48
CA GLN C 137 8.93 -7.47 -9.07
C GLN C 137 9.68 -8.79 -9.21
N THR C 138 9.05 -9.94 -8.96
CA THR C 138 9.74 -11.25 -9.02
C THR C 138 9.96 -11.65 -10.49
N LEU C 139 9.13 -11.17 -11.42
CA LEU C 139 9.36 -11.42 -12.87
C LEU C 139 10.48 -10.50 -13.37
N THR C 140 10.46 -9.21 -13.05
CA THR C 140 11.50 -8.27 -13.52
C THR C 140 12.82 -8.62 -12.83
N GLY C 141 12.76 -9.04 -11.57
CA GLY C 141 13.94 -9.39 -10.74
C GLY C 141 14.79 -10.47 -11.37
N LEU C 142 14.21 -11.36 -12.16
CA LEU C 142 14.92 -12.49 -12.79
C LEU C 142 15.92 -11.96 -13.81
N PHE C 143 15.76 -10.71 -14.28
CA PHE C 143 16.60 -10.10 -15.35
C PHE C 143 17.49 -8.97 -14.81
N LYS C 144 17.46 -8.69 -13.50
CA LYS C 144 18.33 -7.71 -12.80
C LYS C 144 19.77 -8.19 -12.94
N GLY C 145 20.70 -7.25 -13.19
CA GLY C 145 22.14 -7.47 -13.41
C GLY C 145 22.67 -8.69 -12.69
N ASP C 146 22.50 -8.80 -11.37
CA ASP C 146 23.10 -9.90 -10.57
C ASP C 146 22.73 -11.25 -11.20
N LYS C 147 21.46 -11.44 -11.57
CA LYS C 147 20.85 -12.77 -11.77
C LYS C 147 20.80 -13.15 -13.25
N CYS C 148 21.12 -12.24 -14.17
CA CYS C 148 21.12 -12.53 -15.63
C CYS C 148 22.26 -11.74 -16.29
N HIS C 149 23.50 -12.21 -16.15
CA HIS C 149 24.74 -11.47 -16.46
C HIS C 149 24.74 -11.07 -17.95
N SER C 150 24.26 -11.94 -18.83
CA SER C 150 24.25 -11.77 -20.30
C SER C 150 23.34 -10.60 -20.74
N LEU C 151 22.59 -9.97 -19.84
CA LEU C 151 21.67 -8.83 -20.16
C LEU C 151 22.11 -7.54 -19.43
N VAL C 152 23.12 -7.62 -18.56
CA VAL C 152 23.69 -6.42 -17.89
C VAL C 152 24.02 -5.38 -18.96
N GLY C 153 23.56 -4.13 -18.76
CA GLY C 153 23.88 -3.00 -19.65
C GLY C 153 23.12 -3.06 -20.96
N LYS C 154 22.19 -4.01 -21.10
CA LYS C 154 21.30 -4.10 -22.28
C LYS C 154 19.89 -3.70 -21.84
N PRO C 155 19.08 -3.06 -22.72
CA PRO C 155 17.72 -2.70 -22.38
C PRO C 155 16.85 -3.94 -22.05
N LYS C 156 16.07 -3.85 -20.98
CA LYS C 156 15.07 -4.86 -20.59
C LYS C 156 13.71 -4.17 -20.57
N ILE C 157 12.85 -4.52 -21.52
CA ILE C 157 11.61 -3.76 -21.82
C ILE C 157 10.41 -4.61 -21.45
N PHE C 158 9.62 -4.17 -20.48
CA PHE C 158 8.35 -4.82 -20.09
C PHE C 158 7.18 -3.94 -20.52
N ILE C 159 6.20 -4.54 -21.19
CA ILE C 159 4.97 -3.87 -21.67
C ILE C 159 3.79 -4.55 -21.00
N ILE C 160 2.93 -3.78 -20.34
CA ILE C 160 1.87 -4.34 -19.44
C ILE C 160 0.52 -3.72 -19.77
N GLN C 161 -0.30 -4.52 -20.43
CA GLN C 161 -1.74 -4.28 -20.68
C GLN C 161 -2.46 -5.12 -19.63
N ALA C 162 -2.66 -4.55 -18.46
CA ALA C 162 -3.37 -5.18 -17.33
C ALA C 162 -4.13 -4.11 -16.55
N ALA C 163 -5.37 -4.43 -16.21
CA ALA C 163 -6.27 -3.55 -15.43
C ALA C 163 -7.19 -4.43 -14.59
N ARG C 164 -8.22 -3.86 -13.97
CA ARG C 164 -9.19 -4.56 -13.06
C ARG C 164 -10.29 -5.19 -13.92
N GLY C 165 -10.60 -6.48 -13.72
CA GLY C 165 -11.73 -7.11 -14.41
C GLY C 165 -13.06 -6.71 -13.80
N ASN C 166 -13.91 -5.94 -14.50
CA ASN C 166 -15.08 -5.25 -13.87
C ASN C 166 -16.34 -6.14 -13.82
N GLN C 167 -16.48 -7.15 -14.69
CA GLN C 167 -17.78 -7.85 -14.99
C GLN C 167 -18.72 -6.86 -15.68
N THR C 187 -21.12 -7.07 -32.23
CA THR C 187 -20.02 -7.92 -32.78
C THR C 187 -18.68 -7.47 -32.18
N ASN C 188 -18.28 -6.21 -32.40
CA ASN C 188 -17.04 -5.55 -31.88
C ASN C 188 -17.45 -4.48 -30.86
N ILE C 189 -17.59 -4.86 -29.59
CA ILE C 189 -17.91 -3.97 -28.44
C ILE C 189 -16.60 -3.44 -27.86
N THR C 190 -16.60 -2.19 -27.37
CA THR C 190 -15.46 -1.62 -26.60
C THR C 190 -15.70 -1.87 -25.10
N GLU C 191 -14.92 -2.76 -24.47
CA GLU C 191 -14.99 -3.00 -23.00
C GLU C 191 -13.99 -2.06 -22.32
N VAL C 192 -14.33 -1.57 -21.13
CA VAL C 192 -13.53 -0.55 -20.42
C VAL C 192 -13.27 -1.01 -18.98
N ASP C 193 -11.99 -1.03 -18.58
CA ASP C 193 -11.50 -1.46 -17.23
C ASP C 193 -10.90 -0.25 -16.51
N ALA C 194 -11.04 -0.19 -15.19
CA ALA C 194 -10.35 0.82 -14.36
C ALA C 194 -8.85 0.49 -14.27
N ALA C 195 -7.96 1.48 -14.32
CA ALA C 195 -6.52 1.27 -14.00
C ALA C 195 -6.41 0.61 -12.63
N SER C 196 -5.44 -0.28 -12.46
CA SER C 196 -5.27 -1.06 -11.20
C SER C 196 -3.80 -1.34 -10.88
N VAL C 197 -2.95 -1.44 -11.90
CA VAL C 197 -1.54 -1.93 -11.77
C VAL C 197 -0.64 -0.72 -11.59
N TYR C 198 0.10 -0.71 -10.50
CA TYR C 198 1.02 0.40 -10.15
C TYR C 198 2.04 0.55 -11.28
N THR C 199 2.30 1.78 -11.71
CA THR C 199 3.20 2.09 -12.85
C THR C 199 4.64 2.17 -12.33
N LEU C 200 5.18 1.04 -11.89
CA LEU C 200 6.48 0.99 -11.15
C LEU C 200 7.64 1.02 -12.13
N PRO C 201 8.82 1.46 -11.69
CA PRO C 201 10.06 1.26 -12.43
C PRO C 201 10.60 -0.14 -12.01
N ALA C 202 11.78 -0.57 -12.42
CA ALA C 202 12.21 -1.99 -12.26
C ALA C 202 13.71 -2.12 -11.97
N GLY C 203 14.52 -1.14 -12.36
CA GLY C 203 15.97 -1.16 -12.11
C GLY C 203 16.78 -0.68 -13.31
N ALA C 204 18.09 -0.51 -13.12
CA ALA C 204 18.99 0.04 -14.15
C ALA C 204 18.75 -0.70 -15.47
N ASP C 205 18.47 0.06 -16.51
CA ASP C 205 18.43 -0.40 -17.92
C ASP C 205 17.10 -1.11 -18.20
N PHE C 206 16.12 -1.04 -17.29
CA PHE C 206 14.72 -1.42 -17.57
C PHE C 206 13.90 -0.24 -18.10
N LEU C 207 12.92 -0.55 -18.96
CA LEU C 207 11.86 0.37 -19.42
C LEU C 207 10.52 -0.32 -19.20
N MET C 208 9.75 0.14 -18.21
CA MET C 208 8.40 -0.40 -17.91
C MET C 208 7.37 0.46 -18.64
N CYS C 209 6.55 -0.16 -19.48
CA CYS C 209 5.53 0.47 -20.35
C CYS C 209 4.12 0.01 -19.93
N TYR C 210 3.21 0.93 -19.63
CA TYR C 210 1.88 0.65 -19.03
C TYR C 210 0.74 1.20 -19.91
N SER C 211 -0.22 0.35 -20.25
CA SER C 211 -1.49 0.68 -20.98
C SER C 211 -2.16 1.94 -20.43
N VAL C 212 -2.15 2.14 -19.12
CA VAL C 212 -3.01 3.13 -18.41
C VAL C 212 -2.39 3.53 -17.08
N ALA C 213 -2.63 4.77 -16.65
CA ALA C 213 -2.11 5.35 -15.39
C ALA C 213 -3.25 5.43 -14.35
N GLU C 214 -2.92 5.67 -13.08
CA GLU C 214 -3.89 5.85 -11.97
C GLU C 214 -4.91 6.92 -12.39
N GLY C 215 -6.19 6.64 -12.15
CA GLY C 215 -7.29 7.59 -12.42
C GLY C 215 -7.77 7.53 -13.86
N TYR C 216 -7.16 6.75 -14.75
CA TYR C 216 -7.62 6.61 -16.16
C TYR C 216 -8.21 5.23 -16.37
N TYR C 217 -8.70 4.95 -17.58
CA TYR C 217 -9.38 3.68 -17.93
C TYR C 217 -8.74 3.06 -19.19
N SER C 218 -8.58 1.74 -19.20
CA SER C 218 -8.04 0.96 -20.33
C SER C 218 -9.21 0.41 -21.15
N HIS C 219 -9.12 0.51 -22.47
CA HIS C 219 -10.14 0.10 -23.47
C HIS C 219 -9.66 -1.12 -24.27
N ARG C 220 -10.52 -2.11 -24.44
CA ARG C 220 -10.28 -3.26 -25.36
C ARG C 220 -11.51 -3.46 -26.24
N GLU C 221 -11.33 -3.38 -27.57
CA GLU C 221 -12.32 -3.75 -28.61
C GLU C 221 -12.28 -5.28 -28.73
N THR C 222 -13.43 -5.95 -28.80
CA THR C 222 -13.51 -7.43 -28.67
C THR C 222 -12.97 -8.13 -29.91
N VAL C 223 -12.76 -7.41 -31.02
CA VAL C 223 -12.18 -7.98 -32.27
C VAL C 223 -10.84 -7.30 -32.57
N ASN C 224 -10.79 -5.96 -32.50
CA ASN C 224 -9.59 -5.16 -32.91
C ASN C 224 -8.50 -5.15 -31.83
N GLY C 225 -8.86 -5.38 -30.56
CA GLY C 225 -7.89 -5.45 -29.44
C GLY C 225 -7.80 -4.16 -28.63
N SER C 226 -6.84 -4.11 -27.72
CA SER C 226 -6.64 -3.02 -26.74
C SER C 226 -6.21 -1.74 -27.46
N TRP C 227 -6.78 -0.59 -27.07
CA TRP C 227 -6.43 0.72 -27.66
C TRP C 227 -4.90 0.89 -27.58
N TYR C 228 -4.33 0.66 -26.40
CA TYR C 228 -2.89 0.89 -26.14
C TYR C 228 -2.07 0.07 -27.16
N ILE C 229 -2.50 -1.16 -27.41
CA ILE C 229 -1.68 -2.13 -28.17
C ILE C 229 -1.88 -1.92 -29.66
N GLN C 230 -3.09 -1.56 -30.08
CA GLN C 230 -3.34 -1.12 -31.47
C GLN C 230 -2.37 0.01 -31.79
N ASP C 231 -2.30 1.01 -30.90
CA ASP C 231 -1.55 2.27 -31.15
C ASP C 231 -0.05 1.98 -31.01
N LEU C 232 0.35 1.18 -30.01
CA LEU C 232 1.76 0.75 -29.91
C LEU C 232 2.13 0.07 -31.23
N CYS C 233 1.33 -0.87 -31.70
CA CYS C 233 1.66 -1.70 -32.89
C CYS C 233 1.67 -0.81 -34.15
N GLU C 234 0.74 0.14 -34.29
CA GLU C 234 0.75 1.08 -35.44
C GLU C 234 2.09 1.81 -35.46
N MET C 235 2.52 2.33 -34.30
CA MET C 235 3.76 3.12 -34.21
C MET C 235 4.98 2.22 -34.44
N LEU C 236 4.96 0.97 -34.01
CA LEU C 236 6.08 0.03 -34.28
C LEU C 236 6.21 -0.15 -35.80
N GLY C 237 5.08 -0.39 -36.48
CA GLY C 237 5.00 -0.54 -37.96
C GLY C 237 5.60 0.67 -38.69
N LYS C 238 5.11 1.87 -38.43
CA LYS C 238 5.55 3.09 -39.15
C LYS C 238 6.98 3.46 -38.75
N TYR C 239 7.33 3.41 -37.46
CA TYR C 239 8.51 4.14 -36.91
C TYR C 239 9.45 3.26 -36.07
N GLY C 240 9.07 2.02 -35.74
CA GLY C 240 9.88 1.12 -34.90
C GLY C 240 11.37 1.14 -35.28
N SER C 241 11.63 1.08 -36.60
CA SER C 241 12.97 0.87 -37.19
C SER C 241 13.77 2.18 -37.30
N SER C 242 13.17 3.35 -37.05
CA SER C 242 13.87 4.66 -37.18
C SER C 242 13.97 5.37 -35.82
N LEU C 243 12.88 5.44 -35.06
CA LEU C 243 12.75 6.35 -33.90
C LEU C 243 13.35 5.73 -32.63
N GLU C 244 13.81 6.60 -31.73
CA GLU C 244 14.22 6.21 -30.36
C GLU C 244 12.98 5.74 -29.60
N PHE C 245 13.09 4.68 -28.82
CA PHE C 245 11.91 3.89 -28.41
C PHE C 245 11.05 4.72 -27.45
N THR C 246 11.66 5.54 -26.60
CA THR C 246 10.92 6.44 -25.69
C THR C 246 10.23 7.53 -26.52
N GLU C 247 10.83 8.00 -27.62
CA GLU C 247 10.14 8.94 -28.57
C GLU C 247 8.85 8.30 -29.06
N LEU C 248 8.94 7.01 -29.40
CA LEU C 248 7.83 6.21 -29.98
C LEU C 248 6.72 6.07 -28.94
N LEU C 249 7.10 5.63 -27.72
CA LEU C 249 6.15 5.44 -26.59
C LEU C 249 5.39 6.75 -26.31
N THR C 250 6.05 7.89 -26.54
CA THR C 250 5.47 9.25 -26.35
C THR C 250 4.40 9.48 -27.43
N LEU C 251 4.71 9.13 -28.68
CA LEU C 251 3.69 9.09 -29.77
C LEU C 251 2.50 8.26 -29.29
N VAL C 252 2.76 7.10 -28.68
CA VAL C 252 1.66 6.20 -28.24
C VAL C 252 0.82 6.91 -27.17
N ASN C 253 1.47 7.63 -26.27
CA ASN C 253 0.77 8.44 -25.24
C ASN C 253 -0.13 9.46 -25.95
N ARG C 254 0.37 10.13 -26.99
CA ARG C 254 -0.46 11.12 -27.71
C ARG C 254 -1.65 10.38 -28.34
N LYS C 255 -1.40 9.31 -29.09
CA LYS C 255 -2.44 8.62 -29.88
C LYS C 255 -3.59 8.23 -28.95
N VAL C 256 -3.26 7.62 -27.81
CA VAL C 256 -4.26 7.02 -26.90
C VAL C 256 -5.01 8.12 -26.16
N SER C 257 -4.28 9.12 -25.65
CA SER C 257 -4.84 10.32 -24.98
C SER C 257 -5.91 10.99 -25.87
N GLN C 258 -5.66 11.03 -27.19
CA GLN C 258 -6.50 11.70 -28.21
C GLN C 258 -7.73 10.86 -28.62
N ARG C 259 -7.80 9.58 -28.29
CA ARG C 259 -9.01 8.78 -28.60
C ARG C 259 -10.18 9.38 -27.81
N ARG C 260 -11.28 9.71 -28.51
CA ARG C 260 -12.42 10.49 -27.97
C ARG C 260 -13.35 9.51 -27.25
N VAL C 261 -13.96 9.97 -26.16
CA VAL C 261 -14.71 9.08 -25.21
C VAL C 261 -15.98 9.83 -24.73
N ASP C 262 -16.54 10.69 -25.60
CA ASP C 262 -17.75 11.51 -25.31
C ASP C 262 -19.02 10.88 -25.93
N PHE C 263 -18.90 10.19 -27.07
CA PHE C 263 -20.04 9.64 -27.86
C PHE C 263 -19.93 8.11 -27.91
N CYS C 264 -20.14 7.41 -26.80
CA CYS C 264 -19.96 5.93 -26.66
C CYS C 264 -21.31 5.19 -26.72
N LYS C 265 -21.32 4.00 -27.34
CA LYS C 265 -22.50 3.10 -27.39
C LYS C 265 -23.01 2.81 -25.96
N ASP C 266 -22.12 2.73 -24.97
CA ASP C 266 -22.53 2.62 -23.55
C ASP C 266 -22.52 4.03 -22.95
N PRO C 267 -23.64 4.51 -22.36
CA PRO C 267 -23.63 5.77 -21.61
C PRO C 267 -22.61 5.83 -20.46
N SER C 268 -22.45 4.72 -19.71
CA SER C 268 -21.60 4.66 -18.48
C SER C 268 -20.11 4.69 -18.84
N ALA C 269 -19.75 4.49 -20.10
CA ALA C 269 -18.36 4.50 -20.60
C ALA C 269 -17.94 5.91 -21.04
N ILE C 270 -18.86 6.88 -21.05
CA ILE C 270 -18.58 8.29 -21.47
C ILE C 270 -17.64 8.93 -20.44
N GLY C 271 -16.63 9.67 -20.92
CA GLY C 271 -15.71 10.48 -20.08
C GLY C 271 -14.66 9.66 -19.35
N LYS C 272 -14.59 8.36 -19.63
CA LYS C 272 -13.54 7.44 -19.13
C LYS C 272 -12.32 7.54 -20.05
N LYS C 273 -11.50 8.60 -19.91
CA LYS C 273 -10.33 8.85 -20.79
C LYS C 273 -9.24 7.78 -20.53
N GLN C 274 -8.33 7.60 -21.49
CA GLN C 274 -7.18 6.67 -21.35
C GLN C 274 -5.88 7.42 -21.59
N VAL C 275 -4.96 7.40 -20.62
CA VAL C 275 -3.59 7.96 -20.75
C VAL C 275 -2.62 6.89 -20.28
N PRO C 276 -1.75 6.37 -21.18
CA PRO C 276 -0.72 5.44 -20.78
C PRO C 276 0.47 6.20 -20.20
N CYS C 277 1.46 5.46 -19.72
CA CYS C 277 2.76 6.04 -19.29
C CYS C 277 3.88 5.03 -19.46
N PHE C 278 5.12 5.52 -19.32
CA PHE C 278 6.31 4.66 -19.18
C PHE C 278 7.22 5.18 -18.07
N ALA C 279 7.84 4.24 -17.36
CA ALA C 279 8.85 4.52 -16.34
C ALA C 279 10.22 4.08 -16.89
N SER C 280 11.08 5.03 -17.25
CA SER C 280 12.41 4.76 -17.84
C SER C 280 13.47 4.77 -16.75
N MET C 281 14.23 3.68 -16.67
CA MET C 281 15.50 3.60 -15.93
CA MET C 281 15.52 3.66 -15.93
C MET C 281 16.63 3.37 -16.95
N LEU C 282 16.36 3.64 -18.23
CA LEU C 282 17.36 3.48 -19.30
C LEU C 282 18.46 4.53 -19.09
N THR C 283 19.66 4.26 -19.61
CA THR C 283 20.87 5.11 -19.43
C THR C 283 21.38 5.57 -20.79
N LYS C 284 20.70 5.19 -21.89
CA LYS C 284 21.14 5.55 -23.26
C LYS C 284 19.95 5.57 -24.20
N LYS C 285 20.15 6.18 -25.36
CA LYS C 285 19.18 6.17 -26.47
C LYS C 285 19.02 4.70 -26.90
N LEU C 286 17.80 4.30 -27.25
CA LEU C 286 17.42 2.93 -27.67
C LEU C 286 16.80 2.98 -29.05
N HIS C 287 17.42 2.32 -30.02
CA HIS C 287 16.92 2.21 -31.42
C HIS C 287 16.82 0.73 -31.81
N PHE C 288 15.92 0.44 -32.74
CA PHE C 288 15.74 -0.90 -33.36
C PHE C 288 15.97 -0.77 -34.87
N PHE C 289 17.10 -0.14 -35.24
CA PHE C 289 17.56 -0.04 -36.66
C PHE C 289 17.62 -1.45 -37.26
N PRO C 290 17.31 -1.62 -38.56
CA PRO C 290 17.38 -2.95 -39.17
C PRO C 290 18.77 -3.55 -39.00
N LYS C 291 18.86 -4.85 -38.67
CA LYS C 291 20.15 -5.56 -38.47
C LYS C 291 20.66 -6.05 -39.84
N SER C 292 21.98 -6.05 -40.05
CA SER C 292 22.63 -6.48 -41.32
C SER C 292 22.66 -8.02 -41.38
N ASN C 293 21.78 -8.60 -42.20
CA ASN C 293 21.46 -10.06 -42.25
C ASN C 293 22.14 -10.72 -43.45
N GLU C 294 22.81 -9.94 -44.29
CA GLU C 294 23.28 -10.39 -45.63
C GLU C 294 24.53 -11.27 -45.42
N ASN C 295 24.38 -12.59 -45.62
CA ASN C 295 25.45 -13.63 -45.49
C ASN C 295 25.95 -13.72 -44.03
N LEU C 296 25.03 -13.92 -43.08
CA LEU C 296 25.29 -14.04 -41.62
C LEU C 296 24.35 -15.09 -41.02
N TYR C 297 24.83 -15.85 -40.03
CA TYR C 297 23.99 -16.78 -39.21
C TYR C 297 23.41 -16.01 -38.01
N PHE C 298 22.08 -15.78 -38.00
CA PHE C 298 21.32 -14.96 -37.01
C PHE C 298 20.30 -15.82 -36.23
N GLN C 299 20.44 -17.16 -36.23
CA GLN C 299 19.62 -18.15 -35.47
C GLN C 299 20.47 -18.77 -34.35
N MET D 30 -3.16 15.01 -39.86
CA MET D 30 -1.84 15.31 -40.50
C MET D 30 -0.69 14.89 -39.53
N PHE D 31 -0.74 13.67 -38.98
CA PHE D 31 0.02 13.18 -37.78
C PHE D 31 1.53 13.27 -37.96
N ASP D 32 2.26 13.75 -36.95
CA ASP D 32 3.69 14.16 -37.08
C ASP D 32 4.52 13.48 -35.99
N PRO D 33 5.40 12.51 -36.32
CA PRO D 33 6.16 11.80 -35.30
C PRO D 33 7.21 12.67 -34.59
N ALA D 34 7.36 13.93 -34.97
CA ALA D 34 8.39 14.84 -34.39
C ALA D 34 7.71 16.04 -33.71
N GLU D 35 6.41 15.95 -33.45
CA GLU D 35 5.64 17.06 -32.83
C GLU D 35 6.33 17.46 -31.52
N LYS D 36 6.59 18.77 -31.38
CA LYS D 36 7.15 19.42 -30.17
C LYS D 36 6.00 20.10 -29.43
N TYR D 37 6.04 20.13 -28.10
CA TYR D 37 5.17 21.02 -27.32
C TYR D 37 5.42 22.44 -27.83
N LYS D 38 4.35 23.23 -27.94
CA LYS D 38 4.38 24.67 -28.33
C LYS D 38 5.14 25.42 -27.21
N MET D 39 6.38 25.85 -27.48
CA MET D 39 7.23 26.55 -26.47
C MET D 39 7.60 27.96 -26.97
N ASP D 40 6.65 28.67 -27.62
CA ASP D 40 6.82 30.02 -28.24
C ASP D 40 5.84 31.04 -27.57
N HIS D 41 5.46 30.83 -26.31
CA HIS D 41 4.67 31.79 -25.49
C HIS D 41 5.59 32.93 -25.04
N ARG D 42 5.01 34.00 -24.50
CA ARG D 42 5.76 35.22 -24.11
C ARG D 42 6.83 34.85 -23.06
N ARG D 43 6.45 34.14 -21.99
CA ARG D 43 7.38 33.74 -20.89
C ARG D 43 7.55 32.23 -20.89
N ARG D 44 8.62 31.72 -20.28
CA ARG D 44 8.85 30.26 -20.12
C ARG D 44 7.86 29.69 -19.12
N GLY D 45 7.73 30.36 -17.97
CA GLY D 45 6.85 29.93 -16.86
C GLY D 45 7.53 29.98 -15.49
N ILE D 46 6.80 29.55 -14.46
CA ILE D 46 7.30 29.51 -13.07
C ILE D 46 7.98 28.16 -12.77
N ALA D 47 9.07 28.19 -12.02
CA ALA D 47 9.70 27.03 -11.38
C ALA D 47 9.63 27.22 -9.86
N LEU D 48 8.71 26.52 -9.20
CA LEU D 48 8.64 26.44 -7.72
C LEU D 48 9.75 25.54 -7.22
N ILE D 49 10.41 25.93 -6.13
CA ILE D 49 11.38 25.09 -5.40
C ILE D 49 11.03 25.16 -3.91
N PHE D 50 10.45 24.08 -3.38
CA PHE D 50 10.25 23.89 -1.93
C PHE D 50 11.48 23.19 -1.37
N ASN D 51 12.22 23.88 -0.52
CA ASN D 51 13.55 23.46 -0.03
C ASN D 51 13.47 23.23 1.47
N HIS D 52 13.73 22.02 1.93
CA HIS D 52 13.53 21.58 3.34
C HIS D 52 14.86 21.08 3.93
N GLU D 53 15.39 21.84 4.91
CA GLU D 53 16.69 21.56 5.58
C GLU D 53 16.44 20.98 6.98
N ARG D 54 15.46 21.51 7.71
CA ARG D 54 15.19 21.18 9.11
C ARG D 54 13.71 20.80 9.24
N PHE D 55 13.35 20.06 10.29
CA PHE D 55 11.98 19.56 10.53
C PHE D 55 11.60 19.75 11.99
N PHE D 56 10.30 19.98 12.23
CA PHE D 56 9.66 19.95 13.57
C PHE D 56 10.27 18.80 14.39
N TRP D 57 10.68 19.06 15.63
CA TRP D 57 11.38 18.07 16.48
C TRP D 57 10.60 16.75 16.44
N HIS D 58 9.28 16.76 16.68
CA HIS D 58 8.47 15.55 16.96
C HIS D 58 8.30 14.66 15.71
N LEU D 59 8.86 15.04 14.56
CA LEU D 59 8.90 14.19 13.35
C LEU D 59 10.14 13.27 13.40
N THR D 60 11.14 13.60 14.20
CA THR D 60 12.39 12.79 14.34
C THR D 60 12.97 12.55 12.94
N LEU D 61 13.28 13.62 12.23
CA LEU D 61 13.88 13.60 10.87
C LEU D 61 15.18 14.39 10.90
N PRO D 62 16.26 13.90 10.28
CA PRO D 62 17.55 14.58 10.32
C PRO D 62 17.61 15.82 9.43
N GLU D 63 18.47 16.79 9.79
CA GLU D 63 18.87 17.92 8.92
C GLU D 63 19.24 17.36 7.54
N ARG D 64 19.05 18.14 6.48
CA ARG D 64 19.46 17.76 5.11
C ARG D 64 20.57 18.73 4.69
N ARG D 65 21.68 18.73 5.42
CA ARG D 65 22.83 19.63 5.16
C ARG D 65 23.26 19.43 3.71
N GLY D 66 23.29 20.51 2.92
CA GLY D 66 23.65 20.49 1.49
C GLY D 66 22.47 20.83 0.58
N THR D 67 21.25 20.82 1.11
CA THR D 67 20.04 21.07 0.29
C THR D 67 20.09 22.48 -0.30
N CYS D 68 20.77 23.42 0.35
CA CYS D 68 20.88 24.83 -0.14
C CYS D 68 21.76 24.87 -1.39
N ALA D 69 22.78 24.02 -1.49
CA ALA D 69 23.55 23.91 -2.74
C ALA D 69 22.57 23.52 -3.86
N ASP D 70 21.72 22.52 -3.59
CA ASP D 70 20.74 21.98 -4.56
C ASP D 70 19.82 23.14 -5.00
N ARG D 71 19.21 23.84 -4.06
CA ARG D 71 18.33 25.01 -4.30
C ARG D 71 19.04 26.07 -5.16
N ASP D 72 20.30 26.39 -4.88
CA ASP D 72 21.02 27.50 -5.55
C ASP D 72 21.38 27.05 -6.97
N ASN D 73 21.84 25.81 -7.12
CA ASN D 73 22.23 25.19 -8.42
C ASN D 73 20.98 25.14 -9.32
N LEU D 74 19.88 24.62 -8.78
CA LEU D 74 18.60 24.51 -9.51
C LEU D 74 18.18 25.92 -9.92
N THR D 75 18.22 26.88 -9.00
CA THR D 75 17.75 28.26 -9.24
C THR D 75 18.49 28.84 -10.44
N ARG D 76 19.81 28.68 -10.46
CA ARG D 76 20.65 29.25 -11.55
C ARG D 76 20.26 28.57 -12.87
N ARG D 77 20.19 27.24 -12.92
CA ARG D 77 20.03 26.50 -14.21
C ARG D 77 18.65 26.73 -14.82
N PHE D 78 17.61 26.83 -14.00
CA PHE D 78 16.23 27.06 -14.47
C PHE D 78 16.08 28.53 -14.87
N SER D 79 16.75 29.44 -14.16
CA SER D 79 16.82 30.87 -14.56
C SER D 79 17.40 30.97 -15.97
N ASP D 80 18.54 30.33 -16.24
CA ASP D 80 19.23 30.42 -17.55
C ASP D 80 18.36 29.80 -18.66
N LEU D 81 17.32 29.05 -18.33
CA LEU D 81 16.37 28.49 -19.34
C LEU D 81 15.11 29.37 -19.44
N GLY D 82 15.06 30.44 -18.65
CA GLY D 82 14.05 31.50 -18.77
C GLY D 82 12.94 31.41 -17.74
N PHE D 83 13.07 30.55 -16.73
CA PHE D 83 12.03 30.37 -15.70
C PHE D 83 12.13 31.53 -14.71
N GLU D 84 10.97 32.04 -14.28
CA GLU D 84 10.80 32.85 -13.05
C GLU D 84 10.90 31.86 -11.88
N VAL D 85 12.08 31.71 -11.28
CA VAL D 85 12.29 30.75 -10.17
C VAL D 85 11.78 31.35 -8.86
N LYS D 86 10.88 30.68 -8.16
CA LYS D 86 10.36 31.12 -6.84
C LYS D 86 10.71 30.05 -5.80
N CYS D 87 11.65 30.31 -4.88
CA CYS D 87 12.12 29.38 -3.81
C CYS D 87 11.40 29.65 -2.49
N PHE D 88 11.13 28.62 -1.69
CA PHE D 88 10.53 28.73 -0.33
C PHE D 88 11.21 27.74 0.62
N ASN D 89 11.71 28.25 1.76
CA ASN D 89 12.50 27.45 2.72
C ASN D 89 11.62 27.04 3.90
N ASP D 90 11.58 25.75 4.19
CA ASP D 90 11.09 25.18 5.47
C ASP D 90 9.68 25.66 5.78
N LEU D 91 8.79 25.68 4.78
CA LEU D 91 7.36 26.00 4.96
C LEU D 91 6.66 24.88 5.74
N LYS D 92 5.76 25.25 6.65
CA LYS D 92 4.79 24.32 7.29
C LYS D 92 3.75 23.94 6.23
N ALA D 93 3.01 22.86 6.45
CA ALA D 93 2.04 22.28 5.48
C ALA D 93 1.07 23.37 5.02
N GLU D 94 0.42 24.04 5.96
CA GLU D 94 -0.55 25.12 5.63
C GLU D 94 0.08 26.14 4.68
N GLU D 95 1.27 26.66 5.00
CA GLU D 95 1.94 27.72 4.19
C GLU D 95 2.22 27.18 2.79
N LEU D 96 2.69 25.93 2.69
CA LEU D 96 3.11 25.29 1.42
C LEU D 96 1.88 25.13 0.51
N LEU D 97 0.82 24.51 1.05
CA LEU D 97 -0.45 24.39 0.31
C LEU D 97 -0.95 25.78 -0.12
N LEU D 98 -0.84 26.81 0.71
CA LEU D 98 -1.29 28.18 0.31
C LEU D 98 -0.47 28.64 -0.90
N LYS D 99 0.85 28.48 -0.89
CA LYS D 99 1.72 29.06 -1.96
C LYS D 99 1.47 28.30 -3.25
N ILE D 100 1.35 26.98 -3.14
CA ILE D 100 1.24 26.14 -4.37
C ILE D 100 -0.17 26.29 -4.93
N HIS D 101 -1.18 26.48 -4.08
CA HIS D 101 -2.57 26.71 -4.54
C HIS D 101 -2.64 28.07 -5.24
N GLU D 102 -2.07 29.10 -4.64
CA GLU D 102 -1.90 30.45 -5.21
C GLU D 102 -1.40 30.31 -6.65
N VAL D 103 -0.25 29.65 -6.83
CA VAL D 103 0.43 29.49 -8.15
C VAL D 103 -0.48 28.71 -9.11
N SER D 104 -1.31 27.81 -8.60
CA SER D 104 -2.15 26.93 -9.46
C SER D 104 -3.35 27.70 -10.01
N THR D 105 -3.73 28.84 -9.42
CA THR D 105 -5.01 29.55 -9.70
C THR D 105 -4.75 30.92 -10.37
N VAL D 106 -3.53 31.44 -10.26
CA VAL D 106 -2.96 32.47 -11.18
C VAL D 106 -3.06 31.92 -12.62
N SER D 107 -2.97 32.80 -13.63
CA SER D 107 -3.05 32.42 -15.06
C SER D 107 -1.65 32.10 -15.59
N HIS D 108 -1.50 30.98 -16.28
CA HIS D 108 -0.27 30.55 -17.00
C HIS D 108 -0.47 30.69 -18.52
N ALA D 109 -1.56 31.35 -18.92
CA ALA D 109 -1.97 31.50 -20.34
C ALA D 109 -0.79 31.90 -21.22
N ASP D 110 0.09 32.78 -20.75
CA ASP D 110 1.19 33.35 -21.56
C ASP D 110 2.49 32.58 -21.28
N ALA D 111 2.41 31.34 -20.76
CA ALA D 111 3.59 30.56 -20.34
C ALA D 111 3.69 29.24 -21.11
N ASP D 112 4.93 28.82 -21.35
CA ASP D 112 5.29 27.55 -22.05
C ASP D 112 4.90 26.36 -21.18
N CYS D 113 5.28 26.37 -19.89
CA CYS D 113 5.15 25.19 -19.01
C CYS D 113 5.21 25.60 -17.53
N PHE D 114 5.25 24.60 -16.67
CA PHE D 114 5.34 24.71 -15.21
C PHE D 114 6.30 23.66 -14.68
N VAL D 115 7.19 24.09 -13.79
CA VAL D 115 8.17 23.23 -13.07
C VAL D 115 7.94 23.43 -11.59
N CYS D 116 7.95 22.34 -10.84
CA CYS D 116 7.82 22.34 -9.38
C CYS D 116 8.85 21.35 -8.84
N VAL D 117 9.69 21.76 -7.89
CA VAL D 117 10.76 20.90 -7.32
C VAL D 117 10.55 20.76 -5.82
N PHE D 118 10.69 19.54 -5.31
CA PHE D 118 10.65 19.19 -3.87
C PHE D 118 12.01 18.64 -3.44
N LEU D 119 12.63 19.32 -2.48
CA LEU D 119 13.88 18.92 -1.80
C LEU D 119 13.54 18.70 -0.34
N SER D 120 13.21 17.47 0.04
CA SER D 120 12.81 17.15 1.43
C SER D 120 12.97 15.66 1.70
N HIS D 121 12.40 15.21 2.80
CA HIS D 121 12.18 13.77 3.08
C HIS D 121 10.82 13.39 2.50
N GLY D 122 10.58 12.11 2.30
CA GLY D 122 9.30 11.57 1.82
C GLY D 122 9.13 10.13 2.22
N GLU D 123 7.92 9.61 2.03
CA GLU D 123 7.54 8.21 2.29
C GLU D 123 6.32 7.93 1.40
N GLY D 124 6.36 6.86 0.61
CA GLY D 124 5.20 6.38 -0.16
C GLY D 124 4.70 7.47 -1.10
N ASN D 125 3.48 7.95 -0.91
CA ASN D 125 2.94 9.01 -1.82
C ASN D 125 3.01 10.36 -1.10
N HIS D 126 3.94 10.53 -0.17
CA HIS D 126 4.04 11.76 0.67
C HIS D 126 5.42 12.41 0.52
N ILE D 127 5.44 13.72 0.47
CA ILE D 127 6.62 14.58 0.72
C ILE D 127 6.44 15.15 2.13
N TYR D 128 7.53 15.46 2.83
CA TYR D 128 7.48 16.15 4.14
C TYR D 128 7.66 17.66 3.92
N ALA D 129 6.70 18.43 4.42
CA ALA D 129 6.90 19.85 4.81
C ALA D 129 7.62 19.83 6.17
N TYR D 130 7.86 21.01 6.76
CA TYR D 130 8.54 21.18 8.07
C TYR D 130 7.83 20.36 9.16
N ASP D 131 6.50 20.33 9.12
CA ASP D 131 5.68 19.95 10.32
C ASP D 131 4.86 18.69 10.09
N ALA D 132 4.62 18.27 8.85
CA ALA D 132 3.78 17.11 8.53
C ALA D 132 3.95 16.71 7.07
N LYS D 133 3.45 15.53 6.72
CA LYS D 133 3.57 15.01 5.34
C LYS D 133 2.34 15.47 4.54
N ILE D 134 2.53 15.62 3.23
CA ILE D 134 1.47 16.01 2.25
C ILE D 134 1.43 14.97 1.13
N GLU D 135 0.23 14.52 0.73
CA GLU D 135 0.04 13.64 -0.44
C GLU D 135 0.55 14.36 -1.68
N ILE D 136 1.49 13.76 -2.40
CA ILE D 136 2.00 14.24 -3.71
C ILE D 136 0.82 14.44 -4.69
N GLN D 137 -0.17 13.55 -4.70
CA GLN D 137 -1.31 13.60 -5.66
C GLN D 137 -2.07 14.91 -5.50
N THR D 138 -2.19 15.45 -4.27
CA THR D 138 -2.96 16.70 -4.06
C THR D 138 -2.15 17.89 -4.55
N LEU D 139 -0.82 17.81 -4.61
CA LEU D 139 0.02 18.90 -5.18
C LEU D 139 -0.06 18.82 -6.71
N THR D 140 0.09 17.65 -7.31
CA THR D 140 0.06 17.51 -8.79
C THR D 140 -1.37 17.78 -9.26
N GLY D 141 -2.37 17.37 -8.48
CA GLY D 141 -3.80 17.50 -8.81
C GLY D 141 -4.22 18.95 -9.06
N LEU D 142 -3.53 19.90 -8.44
CA LEU D 142 -3.86 21.34 -8.55
C LEU D 142 -3.59 21.82 -9.98
N PHE D 143 -2.79 21.09 -10.76
CA PHE D 143 -2.36 21.48 -12.13
C PHE D 143 -2.97 20.57 -13.22
N LYS D 144 -3.81 19.60 -12.83
CA LYS D 144 -4.58 18.72 -13.76
C LYS D 144 -5.53 19.61 -14.58
N GLY D 145 -5.65 19.31 -15.87
CA GLY D 145 -6.49 20.01 -16.86
C GLY D 145 -7.69 20.71 -16.27
N ASP D 146 -8.56 19.98 -15.55
CA ASP D 146 -9.83 20.58 -15.05
C ASP D 146 -9.54 21.85 -14.24
N LYS D 147 -8.52 21.81 -13.37
CA LYS D 147 -8.37 22.76 -12.24
C LYS D 147 -7.38 23.88 -12.57
N CYS D 148 -6.66 23.80 -13.68
CA CYS D 148 -5.69 24.84 -14.10
C CYS D 148 -5.69 24.95 -15.62
N HIS D 149 -6.71 25.61 -16.18
CA HIS D 149 -7.05 25.59 -17.62
C HIS D 149 -5.86 26.15 -18.44
N SER D 150 -5.19 27.17 -17.93
CA SER D 150 -4.05 27.87 -18.57
C SER D 150 -2.83 26.97 -18.78
N LEU D 151 -2.82 25.73 -18.25
CA LEU D 151 -1.68 24.78 -18.39
C LEU D 151 -2.10 23.52 -19.16
N VAL D 152 -3.37 23.39 -19.52
CA VAL D 152 -3.86 22.26 -20.35
C VAL D 152 -2.99 22.17 -21.60
N GLY D 153 -2.49 20.97 -21.91
CA GLY D 153 -1.70 20.69 -23.11
C GLY D 153 -0.29 21.26 -23.04
N LYS D 154 0.11 21.80 -21.88
CA LYS D 154 1.49 22.29 -21.63
C LYS D 154 2.17 21.32 -20.67
N PRO D 155 3.51 21.11 -20.81
CA PRO D 155 4.22 20.23 -19.90
C PRO D 155 4.16 20.70 -18.44
N LYS D 156 3.90 19.79 -17.52
CA LYS D 156 3.95 20.03 -16.07
C LYS D 156 5.00 19.10 -15.48
N ILE D 157 6.11 19.64 -15.02
CA ILE D 157 7.33 18.86 -14.68
C ILE D 157 7.56 18.94 -13.20
N PHE D 158 7.47 17.81 -12.49
CA PHE D 158 7.81 17.71 -11.05
C PHE D 158 9.11 16.94 -10.89
N ILE D 159 10.03 17.49 -10.10
CA ILE D 159 11.34 16.89 -9.78
C ILE D 159 11.38 16.66 -8.27
N ILE D 160 11.68 15.44 -7.83
CA ILE D 160 11.53 15.05 -6.41
C ILE D 160 12.81 14.37 -5.91
N GLN D 161 13.56 15.11 -5.12
CA GLN D 161 14.70 14.63 -4.32
C GLN D 161 14.15 14.46 -2.92
N ALA D 162 13.60 13.29 -2.64
CA ALA D 162 13.06 12.91 -1.33
C ALA D 162 13.29 11.42 -1.09
N ALA D 163 13.73 11.09 0.11
CA ALA D 163 13.99 9.71 0.56
C ALA D 163 13.69 9.63 2.06
N ARG D 164 14.05 8.52 2.72
CA ARG D 164 13.80 8.24 4.16
C ARG D 164 14.91 8.89 4.99
N GLY D 165 14.55 9.66 6.02
CA GLY D 165 15.57 10.21 6.94
C GLY D 165 16.09 9.14 7.90
N ASN D 166 17.36 8.72 7.81
CA ASN D 166 17.86 7.48 8.50
C ASN D 166 18.33 7.75 9.94
N GLN D 167 18.72 8.99 10.31
CA GLN D 167 19.52 9.33 11.53
C GLN D 167 20.92 8.73 11.37
N THR D 187 34.38 17.70 6.76
CA THR D 187 33.80 18.96 6.25
C THR D 187 32.63 18.64 5.29
N ASN D 188 32.91 17.91 4.18
CA ASN D 188 31.96 17.48 3.11
C ASN D 188 31.82 15.95 3.19
N ILE D 189 30.87 15.48 4.00
CA ILE D 189 30.51 14.04 4.16
C ILE D 189 29.43 13.68 3.14
N THR D 190 29.45 12.45 2.61
CA THR D 190 28.35 11.91 1.77
C THR D 190 27.34 11.18 2.68
N GLU D 191 26.13 11.72 2.87
CA GLU D 191 25.04 11.06 3.63
C GLU D 191 24.21 10.24 2.65
N VAL D 192 23.72 9.08 3.06
CA VAL D 192 23.00 8.14 2.16
C VAL D 192 21.66 7.72 2.78
N ASP D 193 20.57 7.88 2.03
CA ASP D 193 19.17 7.59 2.44
C ASP D 193 18.63 6.44 1.59
N ALA D 194 17.78 5.59 2.17
CA ALA D 194 17.06 4.54 1.42
C ALA D 194 15.96 5.18 0.57
N ALA D 195 15.74 4.71 -0.66
CA ALA D 195 14.55 5.12 -1.45
C ALA D 195 13.29 4.87 -0.62
N SER D 196 12.29 5.74 -0.74
CA SER D 196 11.04 5.66 0.07
C SER D 196 9.82 6.15 -0.71
N VAL D 197 10.00 7.05 -1.67
CA VAL D 197 8.88 7.77 -2.35
C VAL D 197 8.56 7.01 -3.63
N TYR D 198 7.30 6.59 -3.74
CA TYR D 198 6.81 5.82 -4.91
C TYR D 198 7.04 6.66 -6.16
N THR D 199 7.55 6.04 -7.23
CA THR D 199 7.89 6.74 -8.49
C THR D 199 6.65 6.81 -9.38
N LEU D 200 5.65 7.57 -8.95
CA LEU D 200 4.29 7.58 -9.56
C LEU D 200 4.27 8.47 -10.80
N PRO D 201 3.34 8.24 -11.72
CA PRO D 201 3.02 9.19 -12.78
C PRO D 201 1.99 10.18 -12.20
N ALA D 202 1.42 11.10 -12.96
CA ALA D 202 0.60 12.21 -12.40
C ALA D 202 -0.59 12.59 -13.30
N GLY D 203 -0.52 12.31 -14.59
CA GLY D 203 -1.62 12.62 -15.53
C GLY D 203 -1.13 13.19 -16.85
N ALA D 204 -2.03 13.35 -17.82
CA ALA D 204 -1.70 13.80 -19.18
C ALA D 204 -0.81 15.04 -19.10
N ASP D 205 0.34 14.96 -19.75
CA ASP D 205 1.26 16.10 -20.00
C ASP D 205 2.08 16.41 -18.75
N PHE D 206 2.04 15.54 -17.73
CA PHE D 206 3.01 15.59 -16.61
C PHE D 206 4.26 14.73 -16.89
N LEU D 207 5.39 15.17 -16.36
CA LEU D 207 6.67 14.41 -16.30
C LEU D 207 7.14 14.41 -14.84
N MET D 208 7.05 13.26 -14.17
CA MET D 208 7.53 13.11 -12.77
C MET D 208 8.95 12.56 -12.82
N CYS D 209 9.90 13.28 -12.20
CA CYS D 209 11.35 12.98 -12.16
C CYS D 209 11.79 12.68 -10.72
N TYR D 210 12.42 11.54 -10.47
CA TYR D 210 12.74 11.01 -9.12
C TYR D 210 14.24 10.76 -8.97
N SER D 211 14.84 11.31 -7.90
CA SER D 211 16.25 11.10 -7.46
C SER D 211 16.66 9.62 -7.49
N VAL D 212 15.75 8.72 -7.11
CA VAL D 212 16.09 7.31 -6.79
C VAL D 212 14.86 6.42 -6.95
N ALA D 213 15.07 5.16 -7.32
CA ALA D 213 14.01 4.15 -7.52
C ALA D 213 14.01 3.15 -6.34
N GLU D 214 12.95 2.35 -6.21
CA GLU D 214 12.82 1.28 -5.17
C GLU D 214 14.07 0.42 -5.21
N GLY D 215 14.62 0.12 -4.03
CA GLY D 215 15.78 -0.78 -3.88
C GLY D 215 17.11 -0.07 -4.09
N TYR D 216 17.14 1.21 -4.43
CA TYR D 216 18.40 1.99 -4.58
C TYR D 216 18.51 3.00 -3.43
N TYR D 217 19.60 3.75 -3.39
CA TYR D 217 19.89 4.72 -2.31
C TYR D 217 20.20 6.11 -2.90
N SER D 218 19.71 7.16 -2.26
CA SER D 218 19.96 8.58 -2.65
C SER D 218 21.11 9.11 -1.80
N HIS D 219 22.05 9.81 -2.43
CA HIS D 219 23.28 10.38 -1.84
C HIS D 219 23.20 11.92 -1.79
N ARG D 220 23.57 12.52 -0.66
CA ARG D 220 23.73 14.00 -0.54
C ARG D 220 25.09 14.29 0.12
N GLU D 221 25.95 15.04 -0.58
CA GLU D 221 27.21 15.62 -0.06
C GLU D 221 26.83 16.87 0.74
N THR D 222 27.39 17.09 1.92
CA THR D 222 26.89 18.11 2.88
C THR D 222 27.23 19.52 2.41
N VAL D 223 28.12 19.67 1.41
CA VAL D 223 28.49 21.00 0.82
C VAL D 223 28.07 21.05 -0.65
N ASN D 224 28.40 20.01 -1.43
CA ASN D 224 28.17 19.96 -2.90
C ASN D 224 26.72 19.66 -3.27
N GLY D 225 25.96 19.01 -2.39
CA GLY D 225 24.52 18.72 -2.60
C GLY D 225 24.27 17.29 -3.09
N SER D 226 23.02 17.01 -3.45
CA SER D 226 22.51 15.68 -3.85
C SER D 226 23.15 15.24 -5.17
N TRP D 227 23.55 13.98 -5.27
CA TRP D 227 24.16 13.43 -6.51
C TRP D 227 23.21 13.71 -7.67
N TYR D 228 21.93 13.39 -7.50
CA TYR D 228 20.91 13.48 -8.57
C TYR D 228 20.89 14.93 -9.07
N ILE D 229 20.97 15.88 -8.15
CA ILE D 229 20.71 17.31 -8.48
C ILE D 229 21.98 17.95 -9.04
N GLN D 230 23.15 17.56 -8.54
CA GLN D 230 24.43 17.96 -9.16
C GLN D 230 24.38 17.55 -10.63
N ASP D 231 24.00 16.31 -10.90
CA ASP D 231 24.09 15.72 -12.26
C ASP D 231 22.96 16.29 -13.12
N LEU D 232 21.76 16.45 -12.56
CA LEU D 232 20.68 17.14 -13.30
C LEU D 232 21.19 18.54 -13.69
N CYS D 233 21.74 19.28 -12.75
CA CYS D 233 22.15 20.70 -12.97
C CYS D 233 23.32 20.74 -13.97
N GLU D 234 24.27 19.82 -13.90
CA GLU D 234 25.38 19.77 -14.89
C GLU D 234 24.78 19.62 -16.29
N MET D 235 23.84 18.69 -16.45
CA MET D 235 23.22 18.40 -17.78
C MET D 235 22.36 19.58 -18.22
N LEU D 236 21.68 20.27 -17.32
CA LEU D 236 20.90 21.49 -17.69
C LEU D 236 21.86 22.54 -18.27
N GLY D 237 22.98 22.77 -17.58
CA GLY D 237 24.05 23.70 -18.00
C GLY D 237 24.56 23.40 -19.41
N LYS D 238 25.04 22.18 -19.65
CA LYS D 238 25.65 21.82 -20.94
C LYS D 238 24.58 21.72 -22.04
N TYR D 239 23.42 21.13 -21.76
CA TYR D 239 22.51 20.60 -22.81
C TYR D 239 21.05 21.06 -22.66
N GLY D 240 20.67 21.71 -21.55
CA GLY D 240 19.28 22.15 -21.29
C GLY D 240 18.64 22.80 -22.53
N SER D 241 19.40 23.68 -23.19
CA SER D 241 18.92 24.57 -24.27
C SER D 241 18.90 23.89 -25.64
N SER D 242 19.46 22.68 -25.78
CA SER D 242 19.52 21.96 -27.08
C SER D 242 18.68 20.67 -27.06
N LEU D 243 18.83 19.86 -26.01
CA LEU D 243 18.35 18.46 -25.99
C LEU D 243 16.87 18.38 -25.57
N GLU D 244 16.21 17.33 -26.05
CA GLU D 244 14.83 16.96 -25.61
C GLU D 244 14.93 16.52 -24.14
N PHE D 245 13.97 16.90 -23.31
CA PHE D 245 14.17 16.91 -21.85
C PHE D 245 14.26 15.48 -21.33
N THR D 246 13.52 14.54 -21.91
CA THR D 246 13.60 13.11 -21.55
C THR D 246 14.96 12.56 -21.99
N GLU D 247 15.52 13.01 -23.13
CA GLU D 247 16.92 12.64 -23.54
C GLU D 247 17.88 13.02 -22.42
N LEU D 248 17.68 14.23 -21.88
CA LEU D 248 18.55 14.84 -20.84
C LEU D 248 18.44 14.01 -19.56
N LEU D 249 17.22 13.76 -19.11
CA LEU D 249 16.93 12.97 -17.88
C LEU D 249 17.59 11.59 -17.97
N THR D 250 17.69 11.04 -19.19
CA THR D 250 18.33 9.73 -19.48
C THR D 250 19.84 9.85 -19.26
N LEU D 251 20.45 10.94 -19.76
CA LEU D 251 21.85 11.29 -19.44
C LEU D 251 22.01 11.30 -17.91
N VAL D 252 21.07 11.90 -17.20
CA VAL D 252 21.16 12.01 -15.71
C VAL D 252 21.14 10.60 -15.10
N ASN D 253 20.28 9.73 -15.63
CA ASN D 253 20.23 8.32 -15.20
C ASN D 253 21.61 7.68 -15.40
N ARG D 254 22.25 7.91 -16.55
CA ARG D 254 23.58 7.31 -16.81
C ARG D 254 24.55 7.89 -15.78
N LYS D 255 24.62 9.21 -15.62
CA LYS D 255 25.64 9.89 -14.78
C LYS D 255 25.57 9.29 -13.37
N VAL D 256 24.37 9.20 -12.82
CA VAL D 256 24.16 8.84 -11.39
C VAL D 256 24.42 7.35 -11.21
N SER D 257 23.89 6.51 -12.12
CA SER D 257 24.14 5.04 -12.21
C SER D 257 25.64 4.73 -12.09
N GLN D 258 26.44 5.52 -12.80
CA GLN D 258 27.91 5.36 -12.98
C GLN D 258 28.71 5.84 -11.77
N ARG D 259 28.13 6.62 -10.85
CA ARG D 259 28.87 7.04 -9.64
C ARG D 259 29.20 5.79 -8.83
N ARG D 260 30.48 5.62 -8.50
CA ARG D 260 31.06 4.38 -7.90
C ARG D 260 30.82 4.44 -6.39
N VAL D 261 30.55 3.29 -5.79
CA VAL D 261 30.09 3.19 -4.37
C VAL D 261 30.75 1.97 -3.71
N ASP D 262 31.98 1.64 -4.12
CA ASP D 262 32.78 0.49 -3.63
C ASP D 262 33.82 0.94 -2.59
N PHE D 263 34.36 2.17 -2.71
CA PHE D 263 35.48 2.70 -1.87
C PHE D 263 35.00 3.93 -1.10
N CYS D 264 34.11 3.74 -0.11
CA CYS D 264 33.47 4.84 0.67
C CYS D 264 34.12 5.03 2.05
N LYS D 265 34.23 6.28 2.52
CA LYS D 265 34.73 6.63 3.87
C LYS D 265 33.94 5.88 4.95
N ASP D 266 32.64 5.63 4.73
CA ASP D 266 31.83 4.77 5.63
C ASP D 266 31.82 3.37 5.03
N PRO D 267 32.23 2.33 5.79
CA PRO D 267 32.07 0.94 5.34
C PRO D 267 30.62 0.53 5.01
N SER D 268 29.65 0.97 5.82
CA SER D 268 28.21 0.57 5.72
C SER D 268 27.55 1.20 4.49
N ALA D 269 28.17 2.19 3.87
CA ALA D 269 27.66 2.90 2.67
C ALA D 269 28.14 2.21 1.38
N ILE D 270 29.01 1.21 1.49
CA ILE D 270 29.56 0.46 0.31
C ILE D 270 28.43 -0.33 -0.36
N GLY D 271 28.36 -0.31 -1.70
CA GLY D 271 27.42 -1.13 -2.50
C GLY D 271 25.99 -0.60 -2.50
N LYS D 272 25.77 0.57 -1.90
CA LYS D 272 24.48 1.30 -1.94
C LYS D 272 24.42 2.12 -3.23
N LYS D 273 24.13 1.49 -4.37
CA LYS D 273 24.10 2.17 -5.70
C LYS D 273 22.92 3.15 -5.76
N GLN D 274 22.98 4.12 -6.68
CA GLN D 274 21.86 5.07 -6.92
C GLN D 274 21.45 5.02 -8.40
N VAL D 275 20.18 4.74 -8.66
CA VAL D 275 19.58 4.78 -10.03
C VAL D 275 18.31 5.62 -9.94
N PRO D 276 18.26 6.79 -10.62
CA PRO D 276 17.05 7.59 -10.68
C PRO D 276 16.11 7.03 -11.74
N CYS D 277 14.92 7.60 -11.85
CA CYS D 277 13.98 7.30 -12.95
C CYS D 277 13.09 8.50 -13.24
N PHE D 278 12.35 8.42 -14.36
CA PHE D 278 11.24 9.34 -14.67
C PHE D 278 10.03 8.59 -15.20
N ALA D 279 8.86 9.08 -14.84
CA ALA D 279 7.56 8.58 -15.32
C ALA D 279 6.97 9.64 -16.26
N SER D 280 6.98 9.38 -17.56
CA SER D 280 6.48 10.33 -18.58
C SER D 280 5.04 10.01 -18.94
N MET D 281 4.19 11.02 -18.84
CA MET D 281 2.83 11.03 -19.41
CA MET D 281 2.86 10.97 -19.50
C MET D 281 2.80 12.13 -20.49
N LEU D 282 3.98 12.59 -20.94
CA LEU D 282 4.07 13.63 -22.00
C LEU D 282 3.55 13.03 -23.31
N THR D 283 3.08 13.88 -24.22
CA THR D 283 2.45 13.50 -25.51
C THR D 283 3.24 14.09 -26.68
N LYS D 284 4.35 14.80 -26.40
CA LYS D 284 5.17 15.44 -27.45
C LYS D 284 6.59 15.61 -26.97
N LYS D 285 7.49 15.88 -27.91
CA LYS D 285 8.89 16.23 -27.64
C LYS D 285 8.87 17.54 -26.84
N LEU D 286 9.77 17.67 -25.86
CA LEU D 286 9.91 18.86 -24.98
C LEU D 286 11.32 19.43 -25.11
N HIS D 287 11.42 20.68 -25.56
CA HIS D 287 12.70 21.42 -25.66
C HIS D 287 12.62 22.75 -24.91
N PHE D 288 13.75 23.24 -24.43
CA PHE D 288 13.90 24.56 -23.79
C PHE D 288 14.89 25.39 -24.61
N PHE D 289 14.65 25.47 -25.92
CA PHE D 289 15.40 26.34 -26.86
C PHE D 289 15.38 27.78 -26.33
N PRO D 290 16.46 28.57 -26.51
CA PRO D 290 16.47 29.95 -26.01
C PRO D 290 15.30 30.74 -26.61
N LYS D 291 14.62 31.55 -25.82
CA LYS D 291 13.46 32.38 -26.27
C LYS D 291 14.01 33.69 -26.86
N SER D 292 13.38 34.23 -27.91
CA SER D 292 13.79 35.49 -28.59
C SER D 292 13.30 36.69 -27.77
N ASN D 293 14.24 37.36 -27.11
CA ASN D 293 13.99 38.39 -26.06
C ASN D 293 14.19 39.80 -26.61
N GLU D 294 14.63 39.92 -27.87
CA GLU D 294 15.12 41.19 -28.45
C GLU D 294 13.91 42.06 -28.81
N ASN D 295 13.70 43.14 -28.05
CA ASN D 295 12.62 44.16 -28.23
C ASN D 295 11.24 43.52 -27.97
N LEU D 296 11.08 42.89 -26.79
CA LEU D 296 9.85 42.19 -26.33
C LEU D 296 9.70 42.39 -24.81
N TYR D 297 8.47 42.53 -24.32
CA TYR D 297 8.14 42.50 -22.87
C TYR D 297 7.90 41.04 -22.43
N PHE D 298 8.81 40.47 -21.62
CA PHE D 298 8.84 39.05 -21.17
C PHE D 298 8.69 38.92 -19.63
N GLN D 299 8.18 39.99 -18.95
CA GLN D 299 7.86 40.03 -17.50
C GLN D 299 6.34 40.08 -17.30
N1 XN5 E . -1.27 -2.98 8.21
N1 XN5 E . -6.02 -3.14 5.85
N3 XN5 E . -1.75 -1.78 5.87
N3 XN5 E . -3.74 -2.50 4.61
C4 XN5 E . 0.40 -4.05 9.55
C4 XN5 E . -8.36 -2.38 5.87
C5 XN5 E . 1.62 -4.18 8.86
C5 XN5 E . -8.63 -1.54 4.78
C6 XN5 E . 2.36 -5.36 8.96
C6 XN5 E . -9.51 -0.45 4.93
C7 XN5 E . -0.38 -2.77 9.40
C7 XN5 E . -7.44 -3.57 5.74
C8 XN5 E . -2.69 -3.14 8.24
C8 XN5 E . -5.21 -3.24 7.03
C10 XN5 E . -5.52 -3.47 8.38
C10 XN5 E . -3.60 -3.46 9.37
C13 XN5 E . -2.95 -2.34 5.83
C13 XN5 E . -3.12 -2.38 5.76
C15 XN5 E . -2.80 -1.92 3.55
C15 XN5 E . -1.46 -1.39 4.45
C1 XN5 E . 1.85 -6.39 9.76
C1 XN5 E . -10.10 -0.23 6.19
C2 XN5 E . 0.65 -6.29 10.44
C2 XN5 E . -9.84 -1.07 7.27
C3 XN5 E . -0.10 -5.11 10.34
C3 XN5 E . -8.96 -2.16 7.11
F XN5 E . 2.53 -7.53 9.90
F XN5 E . -10.95 0.78 6.42
O XN5 E . -1.30 -4.99 11.00
O XN5 E . -8.68 -2.99 8.16
N2 XN5 E . -3.32 -3.60 9.34
N2 XN5 E . -5.68 -3.68 8.21
C9 XN5 E . -4.65 -3.76 9.44
C9 XN5 E . -4.95 -3.79 9.33
C11 XN5 E . -4.93 -3.00 7.21
C11 XN5 E . -3.04 -3.01 8.17
C12 XN5 E . -3.53 -2.84 7.12
C12 XN5 E . -3.81 -2.89 7.01
C14 XN5 E . -3.55 -2.45 4.56
C14 XN5 E . -1.85 -1.75 5.72
S XN5 E . -1.32 -1.35 4.29
S XN5 E . -2.76 -1.85 3.38
N1 XN5 F . 5.52 1.70 -5.33
N1 XN5 F . 0.72 3.71 -7.03
N3 XN5 F . 2.98 0.87 -4.17
N3 XN5 F . 1.24 2.78 -4.38
C4 XN5 F . 7.95 1.68 -4.84
C4 XN5 F . -1.08 3.87 -8.74
C5 XN5 F . 8.15 1.27 -3.52
C5 XN5 F . -2.25 3.54 -8.04
C6 XN5 F . 9.13 1.86 -2.72
C6 XN5 F . -3.28 2.86 -8.70
C7 XN5 F . 6.84 1.01 -5.63
C7 XN5 F . 0.01 4.61 -7.98
C8 XN5 F . 4.60 2.24 -6.29
C8 XN5 F . 2.11 3.33 -7.16
C10 XN5 F . 2.94 3.36 -8.33
C10 XN5 F . 4.84 2.62 -7.51
C13 XN5 F . 2.44 1.83 -4.91
C13 XN5 F . 2.24 2.07 -4.89
C15 XN5 F . 0.74 1.74 -3.30
C15 XN5 F . 2.07 0.89 -2.91
C1 XN5 F . 9.93 2.88 -3.24
C1 XN5 F . -3.13 2.51 -10.05
C2 XN5 F . 9.74 3.32 -4.55
C2 XN5 F . -1.96 2.81 -10.75
C3 XN5 F . 8.75 2.72 -5.37
C3 XN5 F . -0.93 3.50 -10.08
F XN5 F . 10.88 3.46 -2.49
F XN5 F . -4.14 1.84 -10.66
O XN5 F . 8.64 3.19 -6.65
O XN5 F . 0.22 3.83 -10.77
N2 XN5 F . 5.08 2.73 -7.44
N2 XN5 F . 2.82 3.68 -8.25
C9 XN5 F . 4.33 3.26 -8.42
C9 XN5 F . 4.12 3.36 -8.44
C11 XN5 F . 2.36 2.88 -7.17
C11 XN5 F . 4.17 2.20 -6.38
C12 XN5 F . 3.16 2.32 -6.13
C12 XN5 F . 2.82 2.53 -6.19
C14 XN5 F . 1.20 2.34 -4.44
C14 XN5 F . 2.76 1.04 -4.08
S XN5 F . 1.93 0.53 -2.87
S XN5 F . 0.82 2.13 -2.86
#